data_4F13
#
_entry.id   4F13
#
_cell.length_a   65.571
_cell.length_b   77.560
_cell.length_c   145.678
_cell.angle_alpha   90.00
_cell.angle_beta   90.00
_cell.angle_gamma   90.00
#
_symmetry.space_group_name_H-M   'P 21 21 21'
#
loop_
_entity.id
_entity.type
_entity.pdbx_description
1 polymer 'Alginate lyase'
2 branched '4-deoxy-alpha-L-erythro-hex-4-enopyranuronic acid-(1-4)-beta-D-mannopyranuronic acid-(1-4)-beta-D-mannopyranuronic acid-(1-4)-beta-D-mannopyranuronic acid'
3 branched 'beta-D-mannopyranuronic acid-(1-4)-beta-D-mannopyranuronic acid'
4 water water
#
_entity_poly.entity_id   1
_entity_poly.type   'polypeptide(L)'
_entity_poly.pdbx_seq_one_letter_code
;GSHPFDQAVVKDPTASYVDVKARRTFLQSGQLDDRLKAALPKEYDCTTEATPNPQQGEMVIPRRYLSGNHGPVNPDYEPV
VTLYRDFEKISATLGNLYVATGKPVYATCLLNMLDKWAKADALLNYDPKSQSWYQVEWSAATAAFALSTMMAEPNVDTAQ
RERVVKWLNRVARHQTSFPGGDTSCCNNHSYWRGQEATIIGVISKDDELFRWGLGRYVQAMGLINEDGSFVHEMTRHEQS
LHFQNYAMLPLTMIAETASRQGIDLYAYKENGRDIHSARKFVFAAVKNPDLIKKYASEPQDTRAFKPGRGDLNWIEYQRA
RFGFADELGFMTVPIFDPRTGGSATLLAYKPQG
;
_entity_poly.pdbx_strand_id   A,B
#
# COMPACT_ATOMS: atom_id res chain seq x y z
N SER A 2 -24.21 35.62 9.46
CA SER A 2 -23.56 34.66 8.57
C SER A 2 -24.49 33.59 8.02
N HIS A 3 -25.07 32.81 8.93
CA HIS A 3 -26.02 31.78 8.57
C HIS A 3 -27.04 31.51 9.64
N PRO A 4 -28.11 30.83 9.27
CA PRO A 4 -29.22 30.47 10.17
C PRO A 4 -28.84 29.64 11.43
N PHE A 5 -27.63 29.11 11.52
CA PHE A 5 -27.29 28.25 12.66
C PHE A 5 -26.18 28.83 13.47
N ASP A 6 -25.96 30.13 13.37
CA ASP A 6 -24.83 30.78 14.03
C ASP A 6 -25.02 31.01 15.53
N GLN A 7 -26.18 30.65 16.06
CA GLN A 7 -26.41 30.59 17.51
C GLN A 7 -26.57 29.16 18.07
N ALA A 8 -26.36 28.16 17.21
CA ALA A 8 -26.56 26.78 17.61
C ALA A 8 -25.54 26.44 18.68
N VAL A 9 -25.91 25.61 19.65
CA VAL A 9 -24.95 25.18 20.67
C VAL A 9 -24.87 23.66 20.70
N VAL A 10 -23.78 23.12 21.25
CA VAL A 10 -23.71 21.68 21.51
C VAL A 10 -24.50 21.37 22.78
N LYS A 11 -25.54 20.58 22.68
CA LYS A 11 -26.35 20.28 23.85
C LYS A 11 -25.80 19.09 24.59
N ASP A 12 -25.25 18.14 23.86
CA ASP A 12 -24.80 16.89 24.47
C ASP A 12 -23.56 16.30 23.77
N PRO A 13 -22.40 16.45 24.40
CA PRO A 13 -21.14 16.03 23.79
C PRO A 13 -21.04 14.53 23.71
N THR A 14 -21.97 13.79 24.31
CA THR A 14 -21.91 12.34 24.23
C THR A 14 -22.87 11.79 23.20
N ALA A 15 -23.60 12.65 22.51
CA ALA A 15 -24.65 12.16 21.62
C ALA A 15 -24.17 11.44 20.35
N SER A 16 -22.90 11.64 19.97
CA SER A 16 -22.33 10.98 18.79
C SER A 16 -23.09 11.27 17.48
N TYR A 17 -22.98 10.35 16.52
CA TYR A 17 -23.57 10.54 15.20
C TYR A 17 -24.63 9.47 14.93
N VAL A 18 -24.89 8.67 15.96
CA VAL A 18 -25.91 7.63 15.96
C VAL A 18 -26.22 7.31 17.41
N ASP A 19 -27.44 6.88 17.69
CA ASP A 19 -27.86 6.60 19.05
C ASP A 19 -27.24 5.27 19.42
N VAL A 20 -26.10 5.32 20.11
CA VAL A 20 -25.25 4.19 20.38
C VAL A 20 -25.96 3.09 21.18
N LYS A 21 -26.63 3.48 22.26
CA LYS A 21 -27.29 2.51 23.13
C LYS A 21 -28.44 1.85 22.41
N ALA A 22 -29.28 2.63 21.76
CA ALA A 22 -30.41 2.08 21.02
C ALA A 22 -29.91 1.17 19.89
N ARG A 23 -28.83 1.55 19.21
CA ARG A 23 -28.41 0.74 18.06
C ARG A 23 -27.84 -0.58 18.55
N ARG A 24 -27.08 -0.52 19.64
CA ARG A 24 -26.51 -1.71 20.23
C ARG A 24 -27.61 -2.68 20.63
N THR A 25 -28.60 -2.17 21.37
CA THR A 25 -29.75 -2.96 21.78
C THR A 25 -30.41 -3.65 20.60
N PHE A 26 -30.60 -2.89 19.52
CA PHE A 26 -31.11 -3.45 18.28
C PHE A 26 -30.21 -4.57 17.75
N LEU A 27 -28.90 -4.35 17.72
CA LEU A 27 -27.98 -5.37 17.21
C LEU A 27 -28.02 -6.65 18.04
N GLN A 28 -28.33 -6.54 19.33
CA GLN A 28 -28.26 -7.67 20.24
C GLN A 28 -29.59 -8.39 20.42
N SER A 29 -30.70 -7.71 20.14
CA SER A 29 -32.02 -8.31 20.34
C SER A 29 -32.94 -8.39 19.10
N GLY A 30 -32.60 -7.64 18.05
CA GLY A 30 -33.43 -7.51 16.86
C GLY A 30 -33.28 -8.65 15.86
N GLN A 31 -34.20 -8.73 14.93
CA GLN A 31 -34.21 -9.75 13.93
C GLN A 31 -33.28 -9.37 12.79
N LEU A 32 -32.07 -9.90 12.75
CA LEU A 32 -31.10 -9.49 11.74
C LEU A 32 -31.19 -10.30 10.46
N ASP A 33 -31.04 -9.64 9.32
CA ASP A 33 -30.97 -10.35 8.04
C ASP A 33 -29.54 -10.75 7.74
N ASP A 34 -29.30 -11.30 6.57
CA ASP A 34 -27.97 -11.76 6.19
C ASP A 34 -26.98 -10.60 6.03
N ARG A 35 -27.44 -9.52 5.41
CA ARG A 35 -26.64 -8.35 5.17
C ARG A 35 -26.06 -7.80 6.49
N LEU A 36 -26.95 -7.55 7.44
CA LEU A 36 -26.58 -7.11 8.79
C LEU A 36 -25.67 -8.08 9.53
N LYS A 37 -25.98 -9.37 9.49
CA LYS A 37 -25.07 -10.34 10.08
C LYS A 37 -23.70 -10.24 9.43
N ALA A 38 -23.68 -10.04 8.12
CA ALA A 38 -22.40 -9.96 7.40
C ALA A 38 -21.62 -8.73 7.89
N ALA A 39 -22.32 -7.75 8.44
CA ALA A 39 -21.68 -6.48 8.79
C ALA A 39 -21.13 -6.44 10.23
N LEU A 40 -21.52 -7.41 11.05
CA LEU A 40 -20.95 -7.51 12.40
C LEU A 40 -19.43 -7.66 12.36
N PRO A 41 -18.73 -6.77 13.04
CA PRO A 41 -17.27 -6.78 13.05
C PRO A 41 -16.76 -7.96 13.89
N LYS A 42 -15.58 -8.45 13.56
CA LYS A 42 -15.04 -9.62 14.20
C LYS A 42 -14.32 -9.17 15.48
N GLU A 43 -14.66 -9.73 16.64
CA GLU A 43 -13.89 -9.39 17.85
C GLU A 43 -12.42 -9.86 17.81
N TYR A 44 -11.54 -9.16 18.52
CA TYR A 44 -10.15 -9.60 18.57
C TYR A 44 -9.51 -8.95 19.77
N ASP A 45 -8.32 -9.40 20.13
CA ASP A 45 -7.69 -8.83 21.33
C ASP A 45 -6.85 -7.63 20.92
N CYS A 46 -7.42 -6.44 21.05
CA CYS A 46 -6.78 -5.24 20.51
C CYS A 46 -5.67 -4.79 21.45
N THR A 47 -5.66 -5.30 22.69
CA THR A 47 -4.61 -4.89 23.63
C THR A 47 -3.22 -5.37 23.22
N THR A 48 -3.14 -6.44 22.42
CA THR A 48 -1.84 -6.93 21.95
C THR A 48 -1.49 -6.48 20.51
N GLU A 49 -2.34 -5.65 19.91
CA GLU A 49 -2.12 -5.24 18.53
C GLU A 49 -1.16 -4.07 18.39
N ALA A 50 -0.25 -4.16 17.43
CA ALA A 50 0.66 -3.05 17.14
C ALA A 50 -0.04 -2.04 16.26
N THR A 51 -0.17 -0.81 16.72
CA THR A 51 -0.84 0.21 15.95
C THR A 51 0.17 1.15 15.32
N PRO A 52 -0.20 1.79 14.22
CA PRO A 52 0.70 2.73 13.56
C PRO A 52 1.25 3.79 14.51
N ASN A 53 2.53 4.11 14.36
CA ASN A 53 3.11 5.24 15.05
C ASN A 53 3.06 6.47 14.17
N PRO A 54 2.88 7.63 14.80
CA PRO A 54 2.77 8.91 14.11
C PRO A 54 4.12 9.27 13.50
N GLN A 55 4.10 10.06 12.43
CA GLN A 55 5.33 10.57 11.83
C GLN A 55 5.95 11.59 12.78
N GLN A 56 7.26 11.49 12.99
CA GLN A 56 7.95 12.51 13.77
C GLN A 56 8.18 13.80 12.99
N GLY A 57 7.93 14.93 13.62
CA GLY A 57 8.13 16.17 12.90
C GLY A 57 7.10 16.49 11.82
N GLU A 58 7.57 17.05 10.71
CA GLU A 58 6.71 17.63 9.67
CA GLU A 58 6.68 17.63 9.72
C GLU A 58 6.00 16.58 8.85
N MET A 59 4.69 16.76 8.69
CA MET A 59 3.87 15.87 7.89
C MET A 59 4.09 16.22 6.42
N VAL A 60 4.66 15.31 5.65
CA VAL A 60 4.92 15.60 4.25
C VAL A 60 4.24 14.57 3.36
N ILE A 61 3.31 15.01 2.52
CA ILE A 61 2.58 14.07 1.69
C ILE A 61 2.57 14.57 0.28
N PRO A 62 2.96 13.72 -0.67
CA PRO A 62 3.04 14.18 -2.06
C PRO A 62 1.63 14.52 -2.55
N ARG A 63 1.53 15.28 -3.64
CA ARG A 63 0.23 15.52 -4.25
C ARG A 63 -0.39 14.25 -4.80
N ARG A 64 -1.71 14.21 -4.80
CA ARG A 64 -2.39 13.03 -5.27
C ARG A 64 -2.28 12.85 -6.78
N TYR A 65 -2.47 13.92 -7.56
CA TYR A 65 -2.62 13.80 -9.01
C TYR A 65 -1.30 14.16 -9.66
N LEU A 66 -0.88 13.38 -10.66
CA LEU A 66 0.34 13.66 -11.41
C LEU A 66 0.40 15.14 -11.80
N SER A 67 -0.68 15.65 -12.39
CA SER A 67 -0.88 17.09 -12.56
C SER A 67 -2.37 17.47 -12.56
N GLY A 68 -2.67 18.69 -12.16
CA GLY A 68 -4.03 19.15 -12.16
C GLY A 68 -4.78 18.57 -10.99
N ASN A 69 -6.11 18.53 -11.08
CA ASN A 69 -6.95 17.87 -10.10
C ASN A 69 -7.68 16.65 -10.68
N HIS A 70 -7.14 16.07 -11.74
CA HIS A 70 -7.71 14.83 -12.29
C HIS A 70 -6.63 14.09 -13.06
N GLY A 71 -7.05 13.01 -13.75
CA GLY A 71 -6.16 12.20 -14.54
C GLY A 71 -5.42 11.21 -13.67
N PRO A 72 -4.27 10.72 -14.16
CA PRO A 72 -3.54 9.67 -13.46
C PRO A 72 -2.93 10.12 -12.12
N VAL A 73 -2.91 9.15 -11.22
CA VAL A 73 -2.46 9.33 -9.86
C VAL A 73 -0.94 9.31 -9.80
N ASN A 74 -0.40 10.14 -8.93
CA ASN A 74 1.02 10.21 -8.62
C ASN A 74 1.48 8.93 -7.93
N PRO A 75 2.37 8.18 -8.57
CA PRO A 75 2.94 6.93 -8.06
C PRO A 75 3.54 7.06 -6.64
N ASP A 76 4.03 8.24 -6.26
CA ASP A 76 4.58 8.44 -4.92
C ASP A 76 3.53 8.60 -3.83
N TYR A 77 2.27 8.76 -4.19
CA TYR A 77 1.27 9.16 -3.21
C TYR A 77 0.96 8.00 -2.24
N GLU A 78 0.47 6.91 -2.83
CA GLU A 78 -0.03 5.80 -2.05
C GLU A 78 0.86 5.21 -1.01
N PRO A 79 2.12 4.92 -1.38
CA PRO A 79 3.02 4.39 -0.35
C PRO A 79 3.05 5.32 0.87
N VAL A 80 2.96 6.64 0.70
CA VAL A 80 3.03 7.55 1.86
C VAL A 80 1.72 7.62 2.69
N VAL A 81 0.56 7.62 2.05
CA VAL A 81 -0.67 7.81 2.84
C VAL A 81 -1.18 6.53 3.47
N THR A 82 -0.56 5.40 3.12
CA THR A 82 -0.85 4.13 3.79
C THR A 82 -0.89 4.18 5.32
N LEU A 83 0.12 4.76 5.97
CA LEU A 83 0.17 4.95 7.43
C LEU A 83 -1.14 5.56 7.92
N TYR A 84 -1.57 6.62 7.25
CA TYR A 84 -2.81 7.29 7.61
C TYR A 84 -4.04 6.41 7.37
N ARG A 85 -4.07 5.70 6.25
CA ARG A 85 -5.21 4.84 6.00
C ARG A 85 -5.27 3.67 7.00
N ASP A 86 -4.12 3.20 7.51
CA ASP A 86 -4.15 2.19 8.58
C ASP A 86 -4.69 2.79 9.88
N PHE A 87 -4.23 4.00 10.21
CA PHE A 87 -4.72 4.72 11.37
C PHE A 87 -6.26 4.84 11.28
N GLU A 88 -6.74 5.24 10.10
CA GLU A 88 -8.17 5.41 9.89
C GLU A 88 -8.94 4.10 10.05
N LYS A 89 -8.44 3.06 9.39
CA LYS A 89 -9.08 1.74 9.44
C LYS A 89 -9.22 1.21 10.87
N ILE A 90 -8.11 1.20 11.60
CA ILE A 90 -8.13 0.68 12.97
C ILE A 90 -9.09 1.50 13.83
N SER A 91 -9.03 2.83 13.70
CA SER A 91 -9.88 3.72 14.48
C SER A 91 -11.34 3.35 14.31
N ALA A 92 -11.78 3.36 13.05
CA ALA A 92 -13.18 3.13 12.70
C ALA A 92 -13.62 1.71 13.13
N THR A 93 -12.72 0.75 12.97
CA THR A 93 -12.97 -0.61 13.40
C THR A 93 -13.18 -0.70 14.90
N LEU A 94 -12.36 0.00 15.67
CA LEU A 94 -12.53 -0.03 17.12
C LEU A 94 -13.82 0.69 17.54
N GLY A 95 -14.12 1.82 16.91
CA GLY A 95 -15.37 2.49 17.20
C GLY A 95 -16.55 1.58 16.96
N ASN A 96 -16.59 0.93 15.80
CA ASN A 96 -17.70 0.05 15.44
C ASN A 96 -17.82 -1.18 16.41
N LEU A 97 -16.69 -1.79 16.74
CA LEU A 97 -16.65 -2.83 17.78
C LEU A 97 -17.16 -2.32 19.13
N TYR A 98 -16.82 -1.10 19.53
CA TYR A 98 -17.38 -0.58 20.78
C TYR A 98 -18.90 -0.47 20.70
N VAL A 99 -19.40 0.04 19.59
CA VAL A 99 -20.84 0.13 19.41
C VAL A 99 -21.55 -1.23 19.45
N ALA A 100 -21.05 -2.19 18.68
CA ALA A 100 -21.71 -3.49 18.55
C ALA A 100 -21.66 -4.25 19.86
N THR A 101 -20.56 -4.17 20.60
CA THR A 101 -20.40 -5.06 21.74
C THR A 101 -20.51 -4.40 23.10
N GLY A 102 -20.28 -3.10 23.17
CA GLY A 102 -20.30 -2.45 24.46
C GLY A 102 -19.10 -2.74 25.36
N LYS A 103 -18.12 -3.49 24.87
CA LYS A 103 -16.97 -3.81 25.70
C LYS A 103 -15.96 -2.68 25.82
N PRO A 104 -15.68 -2.23 27.06
CA PRO A 104 -14.75 -1.12 27.29
C PRO A 104 -13.37 -1.40 26.75
N VAL A 105 -13.03 -2.67 26.58
CA VAL A 105 -11.68 -2.93 26.10
C VAL A 105 -11.42 -2.23 24.74
N TYR A 106 -12.42 -2.16 23.87
CA TYR A 106 -12.21 -1.52 22.56
C TYR A 106 -11.99 -0.01 22.68
N ALA A 107 -12.62 0.58 23.69
CA ALA A 107 -12.48 2.01 23.96
C ALA A 107 -11.06 2.29 24.41
N THR A 108 -10.58 1.47 25.34
CA THR A 108 -9.23 1.62 25.88
C THR A 108 -8.19 1.44 24.78
N CYS A 109 -8.45 0.54 23.86
CA CYS A 109 -7.56 0.32 22.76
C CYS A 109 -7.49 1.57 21.86
N LEU A 110 -8.65 2.16 21.60
CA LEU A 110 -8.72 3.36 20.77
C LEU A 110 -7.98 4.52 21.42
N LEU A 111 -8.26 4.73 22.70
CA LEU A 111 -7.60 5.80 23.45
C LEU A 111 -6.08 5.63 23.50
N ASN A 112 -5.58 4.42 23.67
CA ASN A 112 -4.12 4.23 23.70
C ASN A 112 -3.51 4.58 22.38
N MET A 113 -4.13 4.18 21.28
CA MET A 113 -3.58 4.60 19.98
C MET A 113 -3.63 6.13 19.80
N LEU A 114 -4.79 6.72 20.06
CA LEU A 114 -4.91 8.18 19.90
C LEU A 114 -3.97 8.96 20.82
N ASP A 115 -3.82 8.49 22.05
CA ASP A 115 -2.97 9.17 23.03
C ASP A 115 -1.54 9.25 22.52
N LYS A 116 -1.11 8.20 21.85
CA LYS A 116 0.22 8.14 21.29
C LYS A 116 0.40 9.15 20.17
N TRP A 117 -0.63 9.30 19.32
CA TRP A 117 -0.62 10.32 18.29
C TRP A 117 -0.70 11.72 18.89
N ALA A 118 -1.51 11.88 19.93
CA ALA A 118 -1.69 13.18 20.56
C ALA A 118 -0.35 13.62 21.15
N LYS A 119 0.33 12.70 21.83
CA LYS A 119 1.56 13.08 22.54
C LYS A 119 2.66 13.50 21.55
N ALA A 120 2.56 13.02 20.33
CA ALA A 120 3.47 13.44 19.30
C ALA A 120 3.06 14.71 18.56
N ASP A 121 2.01 15.41 19.01
CA ASP A 121 1.48 16.52 18.25
C ASP A 121 1.27 16.20 16.77
N ALA A 122 0.81 14.98 16.48
CA ALA A 122 0.47 14.63 15.10
C ALA A 122 -0.65 15.50 14.51
N LEU A 123 -0.65 15.60 13.19
CA LEU A 123 -1.70 16.26 12.42
C LEU A 123 -1.70 17.79 12.60
N LEU A 124 -0.59 18.33 13.11
CA LEU A 124 -0.53 19.75 13.45
C LEU A 124 0.53 20.48 12.61
N ASN A 125 1.63 19.80 12.28
CA ASN A 125 2.75 20.45 11.58
C ASN A 125 2.85 20.09 10.10
N TYR A 126 2.49 21.05 9.26
CA TYR A 126 2.43 20.80 7.84
C TYR A 126 2.28 22.10 7.04
N ASP A 127 2.58 22.02 5.75
CA ASP A 127 2.35 23.12 4.83
C ASP A 127 0.88 23.13 4.38
N PRO A 128 0.15 24.15 4.81
CA PRO A 128 -1.27 24.29 4.49
C PRO A 128 -1.59 24.30 2.99
N LYS A 129 -0.56 24.45 2.18
CA LYS A 129 -0.74 24.44 0.74
C LYS A 129 -0.44 23.09 0.16
N SER A 130 -0.10 22.11 1.01
CA SER A 130 0.22 20.79 0.51
C SER A 130 -0.94 19.80 0.69
N GLN A 131 -0.78 18.64 0.05
CA GLN A 131 -1.65 17.50 0.23
C GLN A 131 -1.93 17.23 1.71
N SER A 132 -0.93 17.45 2.58
CA SER A 132 -1.11 17.21 4.02
C SER A 132 -2.36 17.85 4.64
N TRP A 133 -2.74 19.01 4.13
CA TRP A 133 -3.80 19.77 4.73
C TRP A 133 -5.08 18.98 4.56
N TYR A 134 -5.24 18.35 3.40
CA TYR A 134 -6.37 17.46 3.11
C TYR A 134 -6.32 16.18 3.96
N GLN A 135 -5.15 15.54 4.04
CA GLN A 135 -5.02 14.30 4.82
C GLN A 135 -5.54 14.55 6.25
N VAL A 136 -5.26 15.72 6.81
CA VAL A 136 -5.68 15.97 8.19
C VAL A 136 -7.20 15.97 8.36
N GLU A 137 -7.93 16.55 7.40
CA GLU A 137 -9.38 16.61 7.51
C GLU A 137 -10.02 15.22 7.59
N TRP A 138 -9.45 14.26 6.87
CA TRP A 138 -9.97 12.90 6.84
C TRP A 138 -9.57 12.12 8.06
N SER A 139 -8.30 12.20 8.45
CA SER A 139 -7.84 11.39 9.56
C SER A 139 -8.40 11.87 10.88
N ALA A 140 -8.52 13.20 11.04
CA ALA A 140 -9.02 13.75 12.30
C ALA A 140 -10.51 13.41 12.45
N ALA A 141 -11.29 13.52 11.36
CA ALA A 141 -12.73 13.21 11.47
C ALA A 141 -12.92 11.73 11.77
N THR A 142 -12.13 10.89 11.10
CA THR A 142 -12.20 9.44 11.30
C THR A 142 -12.06 9.11 12.78
N ALA A 143 -11.01 9.63 13.39
CA ALA A 143 -10.76 9.36 14.79
C ALA A 143 -11.86 9.92 15.67
N ALA A 144 -12.35 11.10 15.33
CA ALA A 144 -13.34 11.75 16.21
C ALA A 144 -14.65 10.96 16.22
N PHE A 145 -15.03 10.48 15.04
CA PHE A 145 -16.27 9.72 14.89
C PHE A 145 -16.23 8.47 15.76
N ALA A 146 -15.07 7.86 15.83
CA ALA A 146 -14.93 6.62 16.60
C ALA A 146 -14.93 6.98 18.07
N LEU A 147 -14.20 8.04 18.43
CA LEU A 147 -14.13 8.46 19.80
C LEU A 147 -15.50 8.97 20.28
N SER A 148 -16.29 9.53 19.37
CA SER A 148 -17.55 10.11 19.81
C SER A 148 -18.50 9.07 20.40
N THR A 149 -18.29 7.81 20.05
CA THR A 149 -19.21 6.77 20.50
C THR A 149 -18.95 6.35 21.93
N MET A 150 -17.82 6.78 22.50
CA MET A 150 -17.43 6.29 23.82
C MET A 150 -17.25 7.44 24.80
N MET A 151 -17.84 8.59 24.52
CA MET A 151 -17.66 9.75 25.36
C MET A 151 -18.36 9.54 26.73
N ALA A 152 -19.34 8.65 26.79
CA ALA A 152 -20.03 8.38 28.04
C ALA A 152 -19.46 7.16 28.79
N GLU A 153 -18.48 6.47 28.21
CA GLU A 153 -17.98 5.21 28.81
C GLU A 153 -17.22 5.48 30.13
N PRO A 154 -17.64 4.88 31.25
CA PRO A 154 -16.92 5.26 32.48
C PRO A 154 -15.62 4.48 32.69
N ASN A 155 -15.48 3.32 32.07
CA ASN A 155 -14.34 2.46 32.36
C ASN A 155 -13.17 2.69 31.43
N VAL A 156 -12.69 3.91 31.42
CA VAL A 156 -11.50 4.24 30.68
C VAL A 156 -10.69 5.18 31.54
N ASP A 157 -9.44 5.39 31.18
CA ASP A 157 -8.67 6.44 31.80
C ASP A 157 -9.24 7.80 31.35
N THR A 158 -9.91 8.53 32.25
CA THR A 158 -10.65 9.70 31.83
C THR A 158 -9.68 10.83 31.56
N ALA A 159 -8.54 10.83 32.22
CA ALA A 159 -7.57 11.88 31.96
C ALA A 159 -7.04 11.75 30.54
N GLN A 160 -6.79 10.52 30.12
CA GLN A 160 -6.35 10.25 28.79
C GLN A 160 -7.44 10.62 27.76
N ARG A 161 -8.69 10.31 28.09
CA ARG A 161 -9.80 10.66 27.21
C ARG A 161 -9.81 12.16 26.94
N GLU A 162 -9.54 12.94 27.98
CA GLU A 162 -9.52 14.40 27.94
CA GLU A 162 -9.51 14.40 27.95
C GLU A 162 -8.35 14.99 27.14
N ARG A 163 -7.18 14.40 27.25
CA ARG A 163 -6.03 14.89 26.49
C ARG A 163 -6.30 14.68 25.01
N VAL A 164 -6.84 13.52 24.68
CA VAL A 164 -7.14 13.18 23.29
C VAL A 164 -8.19 14.12 22.69
N VAL A 165 -9.24 14.43 23.45
CA VAL A 165 -10.25 15.38 22.99
C VAL A 165 -9.66 16.78 22.73
N LYS A 166 -8.85 17.26 23.66
CA LYS A 166 -8.16 18.55 23.51
C LYS A 166 -7.29 18.55 22.29
N TRP A 167 -6.55 17.48 22.09
CA TRP A 167 -5.69 17.38 20.94
C TRP A 167 -6.52 17.49 19.63
N LEU A 168 -7.61 16.72 19.56
CA LEU A 168 -8.48 16.76 18.39
C LEU A 168 -9.02 18.17 18.15
N ASN A 169 -9.42 18.84 19.21
CA ASN A 169 -9.90 20.20 19.13
C ASN A 169 -8.86 21.15 18.54
N ARG A 170 -7.60 21.07 19.00
CA ARG A 170 -6.48 21.84 18.39
C ARG A 170 -6.27 21.51 16.93
N VAL A 171 -6.29 20.22 16.61
CA VAL A 171 -6.12 19.79 15.24
C VAL A 171 -7.15 20.45 14.32
N ALA A 172 -8.40 20.41 14.75
CA ALA A 172 -9.48 20.87 13.90
C ALA A 172 -9.48 22.42 13.80
N ARG A 173 -9.17 23.09 14.91
CA ARG A 173 -9.08 24.54 14.91
C ARG A 173 -8.00 25.03 13.96
N HIS A 174 -6.85 24.38 13.99
CA HIS A 174 -5.75 24.74 13.14
C HIS A 174 -6.11 24.41 11.69
N GLN A 175 -6.55 23.19 11.44
CA GLN A 175 -6.90 22.81 10.08
C GLN A 175 -7.95 23.68 9.43
N THR A 176 -8.99 24.05 10.16
CA THR A 176 -10.04 24.84 9.57
C THR A 176 -9.75 26.35 9.58
N SER A 177 -8.63 26.77 10.15
CA SER A 177 -8.29 28.17 10.12
C SER A 177 -7.83 28.64 8.73
N PHE A 178 -7.57 27.71 7.83
CA PHE A 178 -7.08 28.11 6.52
C PHE A 178 -8.25 28.16 5.57
N PRO A 179 -8.40 29.25 4.85
CA PRO A 179 -9.59 29.45 3.99
C PRO A 179 -9.67 28.54 2.75
N GLY A 180 -8.54 28.11 2.19
CA GLY A 180 -8.55 27.37 0.95
C GLY A 180 -8.51 28.28 -0.26
N GLY A 181 -8.32 27.70 -1.45
CA GLY A 181 -8.27 28.44 -2.69
C GLY A 181 -9.63 28.70 -3.33
N ASP A 182 -9.61 28.96 -4.64
CA ASP A 182 -10.83 29.28 -5.36
C ASP A 182 -11.75 28.10 -5.46
N THR A 183 -11.18 26.91 -5.36
CA THR A 183 -11.99 25.70 -5.31
C THR A 183 -12.09 25.11 -3.89
N SER A 184 -10.99 24.91 -3.18
CA SER A 184 -11.05 24.19 -1.92
C SER A 184 -11.71 25.00 -0.81
N CYS A 185 -12.01 26.27 -1.09
CA CYS A 185 -12.77 27.09 -0.16
C CYS A 185 -14.18 26.52 -0.11
N CYS A 186 -14.60 25.89 -1.19
CA CYS A 186 -16.02 25.84 -1.46
C CYS A 186 -16.53 24.50 -1.99
N ASN A 187 -15.60 23.62 -2.33
CA ASN A 187 -15.97 22.36 -2.98
C ASN A 187 -16.08 21.23 -1.95
N ASN A 188 -15.97 19.97 -2.37
CA ASN A 188 -16.15 18.85 -1.44
C ASN A 188 -15.19 18.98 -0.24
N HIS A 189 -14.01 19.55 -0.47
CA HIS A 189 -13.07 19.75 0.62
C HIS A 189 -13.65 20.62 1.75
N SER A 190 -14.41 21.64 1.35
CA SER A 190 -15.05 22.48 2.33
C SER A 190 -16.00 21.66 3.21
N TYR A 191 -16.72 20.74 2.55
CA TYR A 191 -17.69 19.89 3.23
C TYR A 191 -16.97 18.90 4.14
N TRP A 192 -15.87 18.34 3.67
CA TRP A 192 -15.06 17.50 4.53
C TRP A 192 -14.55 18.25 5.76
N ARG A 193 -14.11 19.52 5.63
CA ARG A 193 -13.67 20.30 6.80
C ARG A 193 -14.90 20.50 7.68
N GLY A 194 -16.05 20.68 7.05
CA GLY A 194 -17.29 20.84 7.78
C GLY A 194 -17.62 19.64 8.66
N GLN A 195 -17.50 18.42 8.14
CA GLN A 195 -17.82 17.24 8.97
C GLN A 195 -16.81 17.10 10.12
N GLU A 196 -15.53 17.37 9.83
CA GLU A 196 -14.47 17.43 10.83
C GLU A 196 -14.82 18.41 11.97
N ALA A 197 -15.12 19.65 11.64
CA ALA A 197 -15.46 20.66 12.64
C ALA A 197 -16.73 20.30 13.40
N THR A 198 -17.73 19.79 12.72
CA THR A 198 -18.97 19.42 13.38
C THR A 198 -18.77 18.34 14.46
N ILE A 199 -18.18 17.20 14.10
CA ILE A 199 -18.05 16.10 15.07
C ILE A 199 -17.05 16.46 16.19
N ILE A 200 -15.94 17.12 15.84
CA ILE A 200 -15.00 17.49 16.88
C ILE A 200 -15.60 18.60 17.76
N GLY A 201 -16.33 19.54 17.16
CA GLY A 201 -17.02 20.54 17.96
C GLY A 201 -17.98 19.88 18.98
N VAL A 202 -18.70 18.85 18.56
CA VAL A 202 -19.56 18.12 19.51
C VAL A 202 -18.75 17.49 20.65
N ILE A 203 -17.75 16.67 20.32
CA ILE A 203 -17.14 15.93 21.42
C ILE A 203 -16.35 16.87 22.33
N SER A 204 -15.94 18.02 21.82
CA SER A 204 -15.17 18.91 22.68
C SER A 204 -16.02 20.04 23.22
N LYS A 205 -17.32 19.99 22.97
CA LYS A 205 -18.17 21.05 23.45
CA LYS A 205 -18.21 21.05 23.42
C LYS A 205 -17.65 22.42 23.01
N ASP A 206 -17.24 22.55 21.74
CA ASP A 206 -16.75 23.82 21.20
C ASP A 206 -17.83 24.34 20.26
N ASP A 207 -18.68 25.21 20.78
CA ASP A 207 -19.84 25.70 20.02
C ASP A 207 -19.41 26.38 18.71
N GLU A 208 -18.31 27.10 18.78
CA GLU A 208 -17.84 27.85 17.63
C GLU A 208 -17.40 26.94 16.47
N LEU A 209 -16.65 25.89 16.80
CA LEU A 209 -16.29 24.88 15.81
C LEU A 209 -17.54 24.22 15.24
N PHE A 210 -18.50 23.94 16.11
CA PHE A 210 -19.75 23.31 15.73
C PHE A 210 -20.50 24.16 14.70
N ARG A 211 -20.64 25.44 15.01
CA ARG A 211 -21.35 26.37 14.12
C ARG A 211 -20.62 26.49 12.78
N TRP A 212 -19.30 26.63 12.84
CA TRP A 212 -18.52 26.70 11.59
C TRP A 212 -18.80 25.49 10.70
N GLY A 213 -18.87 24.30 11.32
CA GLY A 213 -19.17 23.10 10.55
C GLY A 213 -20.55 23.08 9.92
N LEU A 214 -21.58 23.46 10.65
CA LEU A 214 -22.93 23.57 10.09
C LEU A 214 -22.96 24.57 8.94
N GLY A 215 -22.18 25.64 9.08
CA GLY A 215 -22.07 26.64 8.04
C GLY A 215 -21.59 26.05 6.71
N ARG A 216 -20.81 24.97 6.77
CA ARG A 216 -20.31 24.39 5.52
C ARG A 216 -21.45 23.71 4.75
N TYR A 217 -22.41 23.18 5.50
CA TYR A 217 -23.56 22.53 4.86
C TYR A 217 -24.44 23.60 4.20
N VAL A 218 -24.63 24.71 4.90
CA VAL A 218 -25.36 25.83 4.34
C VAL A 218 -24.67 26.28 3.04
N GLN A 219 -23.36 26.42 3.07
CA GLN A 219 -22.64 26.81 1.87
C GLN A 219 -22.90 25.86 0.72
N ALA A 220 -22.88 24.56 0.98
CA ALA A 220 -23.11 23.58 -0.08
C ALA A 220 -24.49 23.72 -0.73
N MET A 221 -25.53 23.88 0.08
CA MET A 221 -26.86 23.96 -0.49
C MET A 221 -26.94 25.12 -1.49
N GLY A 222 -26.11 26.15 -1.33
CA GLY A 222 -26.14 27.29 -2.22
C GLY A 222 -25.36 27.05 -3.49
N LEU A 223 -24.76 25.87 -3.63
CA LEU A 223 -23.91 25.59 -4.77
C LEU A 223 -24.47 24.42 -5.54
N ILE A 224 -25.77 24.19 -5.38
CA ILE A 224 -26.44 23.13 -6.12
C ILE A 224 -27.19 23.71 -7.32
N ASN A 225 -26.91 23.18 -8.51
CA ASN A 225 -27.61 23.59 -9.73
C ASN A 225 -29.05 23.15 -9.74
N GLU A 226 -29.82 23.75 -10.64
CA GLU A 226 -31.22 23.40 -10.83
C GLU A 226 -31.42 21.90 -10.92
N ASP A 227 -30.49 21.23 -11.60
CA ASP A 227 -30.60 19.79 -11.83
C ASP A 227 -30.12 18.96 -10.64
N GLY A 228 -29.51 19.60 -9.65
CA GLY A 228 -29.06 18.88 -8.47
C GLY A 228 -27.57 18.61 -8.48
N SER A 229 -26.86 19.07 -9.50
CA SER A 229 -25.42 18.88 -9.57
C SER A 229 -24.70 19.93 -8.72
N PHE A 230 -23.58 19.56 -8.11
CA PHE A 230 -22.76 20.54 -7.40
C PHE A 230 -21.88 21.29 -8.36
N VAL A 231 -21.97 22.61 -8.29
CA VAL A 231 -21.22 23.48 -9.17
C VAL A 231 -19.74 23.11 -9.31
N HIS A 232 -19.04 22.95 -8.19
CA HIS A 232 -17.61 22.76 -8.26
C HIS A 232 -17.19 21.35 -8.63
N GLU A 233 -18.08 20.39 -8.43
CA GLU A 233 -17.79 18.99 -8.73
C GLU A 233 -17.94 18.68 -10.22
N MET A 234 -18.64 19.56 -10.93
CA MET A 234 -18.88 19.36 -12.36
C MET A 234 -17.74 19.87 -13.24
N THR A 235 -16.67 20.36 -12.61
CA THR A 235 -15.49 20.85 -13.31
C THR A 235 -14.36 19.85 -13.24
N ARG A 236 -14.65 18.59 -12.93
CA ARG A 236 -13.58 17.64 -12.67
C ARG A 236 -13.36 16.64 -13.81
N HIS A 237 -13.91 16.92 -14.97
CA HIS A 237 -13.68 16.08 -16.15
C HIS A 237 -14.15 14.67 -15.91
N GLU A 238 -13.27 13.68 -16.08
CA GLU A 238 -13.69 12.30 -15.99
C GLU A 238 -14.06 11.86 -14.57
N GLN A 239 -13.69 12.65 -13.55
CA GLN A 239 -14.11 12.42 -12.16
C GLN A 239 -15.25 13.27 -11.67
N SER A 240 -15.99 13.91 -12.58
CA SER A 240 -17.10 14.75 -12.20
C SER A 240 -18.18 13.97 -11.44
N LEU A 241 -18.63 12.84 -11.98
CA LEU A 241 -19.67 12.02 -11.36
C LEU A 241 -19.16 11.46 -10.03
N HIS A 242 -17.91 11.01 -10.06
CA HIS A 242 -17.24 10.56 -8.85
C HIS A 242 -17.30 11.61 -7.73
N PHE A 243 -16.97 12.85 -8.08
CA PHE A 243 -16.91 13.93 -7.10
C PHE A 243 -18.29 14.39 -6.66
N GLN A 244 -19.28 14.28 -7.53
CA GLN A 244 -20.65 14.61 -7.16
C GLN A 244 -21.05 13.67 -6.02
N ASN A 245 -20.77 12.38 -6.18
CA ASN A 245 -21.02 11.41 -5.15
C ASN A 245 -20.18 11.66 -3.90
N TYR A 246 -18.90 11.96 -4.12
CA TYR A 246 -17.96 12.16 -3.03
C TYR A 246 -18.47 13.23 -2.08
N ALA A 247 -18.95 14.34 -2.65
CA ALA A 247 -19.50 15.43 -1.84
C ALA A 247 -20.61 14.98 -0.86
N MET A 248 -21.45 14.01 -1.25
CA MET A 248 -22.53 13.50 -0.39
C MET A 248 -22.04 12.88 0.92
N LEU A 249 -20.82 12.35 0.93
CA LEU A 249 -20.30 11.68 2.12
C LEU A 249 -20.24 12.59 3.34
N PRO A 250 -19.48 13.71 3.28
CA PRO A 250 -19.38 14.60 4.45
C PRO A 250 -20.68 15.35 4.72
N LEU A 251 -21.41 15.73 3.66
CA LEU A 251 -22.65 16.45 3.85
C LEU A 251 -23.64 15.65 4.68
N THR A 252 -23.75 14.37 4.35
CA THR A 252 -24.60 13.44 5.09
C THR A 252 -24.14 13.33 6.57
N MET A 253 -22.85 13.21 6.83
CA MET A 253 -22.43 13.10 8.23
C MET A 253 -22.67 14.38 9.02
N ILE A 254 -22.47 15.54 8.39
CA ILE A 254 -22.80 16.78 9.08
C ILE A 254 -24.29 16.77 9.51
N ALA A 255 -25.17 16.44 8.57
CA ALA A 255 -26.61 16.32 8.85
C ALA A 255 -26.92 15.26 9.94
N GLU A 256 -26.31 14.07 9.86
CA GLU A 256 -26.55 13.06 10.90
C GLU A 256 -26.07 13.51 12.27
N THR A 257 -24.89 14.14 12.32
CA THR A 257 -24.31 14.60 13.59
C THR A 257 -25.19 15.69 14.22
N ALA A 258 -25.61 16.63 13.37
CA ALA A 258 -26.42 17.77 13.79
C ALA A 258 -27.79 17.30 14.28
N SER A 259 -28.34 16.25 13.69
CA SER A 259 -29.67 15.82 14.13
C SER A 259 -29.65 15.30 15.56
N ARG A 260 -28.49 14.83 16.02
CA ARG A 260 -28.39 14.40 17.41
C ARG A 260 -28.33 15.57 18.38
N GLN A 261 -28.18 16.79 17.87
CA GLN A 261 -28.15 17.97 18.71
C GLN A 261 -29.46 18.75 18.50
N GLY A 262 -30.43 18.13 17.84
CA GLY A 262 -31.73 18.76 17.66
C GLY A 262 -31.82 19.69 16.45
N ILE A 263 -30.91 19.56 15.49
CA ILE A 263 -30.99 20.40 14.31
C ILE A 263 -31.31 19.51 13.13
N ASP A 264 -32.23 19.96 12.27
CA ASP A 264 -32.60 19.20 11.07
C ASP A 264 -32.05 19.83 9.77
N LEU A 265 -30.80 19.55 9.44
CA LEU A 265 -30.18 20.15 8.27
C LEU A 265 -30.75 19.61 6.98
N TYR A 266 -31.25 18.39 7.00
CA TYR A 266 -31.89 17.86 5.82
C TYR A 266 -33.04 18.76 5.29
N ALA A 267 -33.73 19.43 6.20
CA ALA A 267 -34.87 20.25 5.83
C ALA A 267 -34.39 21.59 5.28
N TYR A 268 -33.11 21.88 5.44
CA TYR A 268 -32.62 23.19 5.03
C TYR A 268 -32.50 23.28 3.51
N LYS A 269 -33.06 24.32 2.91
CA LYS A 269 -32.89 24.54 1.48
C LYS A 269 -32.68 25.98 1.07
N GLU A 270 -32.08 26.14 -0.10
CA GLU A 270 -31.74 27.43 -0.69
C GLU A 270 -32.38 27.45 -2.05
N ASN A 271 -33.26 28.42 -2.27
CA ASN A 271 -34.06 28.53 -3.50
C ASN A 271 -34.68 27.22 -3.91
N GLY A 272 -35.29 26.51 -2.97
CA GLY A 272 -35.98 25.29 -3.34
C GLY A 272 -35.09 24.10 -3.66
N ARG A 273 -33.78 24.27 -3.44
CA ARG A 273 -32.83 23.19 -3.67
C ARG A 273 -32.24 22.66 -2.36
N ASP A 274 -32.13 21.35 -2.25
CA ASP A 274 -31.59 20.73 -1.04
C ASP A 274 -30.81 19.45 -1.33
N ILE A 275 -30.45 18.75 -0.27
CA ILE A 275 -29.59 17.59 -0.45
C ILE A 275 -30.31 16.50 -1.24
N HIS A 276 -31.63 16.52 -1.22
CA HIS A 276 -32.40 15.50 -1.91
C HIS A 276 -32.24 15.67 -3.41
N SER A 277 -32.22 16.92 -3.87
CA SER A 277 -31.94 17.19 -5.28
C SER A 277 -30.63 16.55 -5.71
N ALA A 278 -29.59 16.72 -4.87
CA ALA A 278 -28.26 16.16 -5.19
C ALA A 278 -28.26 14.65 -5.17
N ARG A 279 -28.93 14.04 -4.20
CA ARG A 279 -29.12 12.59 -4.25
C ARG A 279 -29.78 12.16 -5.57
N LYS A 280 -30.90 12.79 -5.91
CA LYS A 280 -31.63 12.44 -7.14
C LYS A 280 -30.73 12.53 -8.37
N PHE A 281 -29.89 13.55 -8.42
CA PHE A 281 -28.98 13.69 -9.53
C PHE A 281 -27.95 12.58 -9.56
N VAL A 282 -27.35 12.25 -8.43
CA VAL A 282 -26.42 11.11 -8.44
C VAL A 282 -27.09 9.87 -9.02
N PHE A 283 -28.28 9.55 -8.53
CA PHE A 283 -28.96 8.34 -8.96
C PHE A 283 -29.24 8.37 -10.48
N ALA A 284 -29.76 9.50 -10.95
CA ALA A 284 -30.11 9.64 -12.36
C ALA A 284 -28.87 9.52 -13.23
N ALA A 285 -27.81 10.21 -12.84
CA ALA A 285 -26.65 10.31 -13.69
C ALA A 285 -25.88 9.01 -13.74
N VAL A 286 -26.07 8.16 -12.76
CA VAL A 286 -25.43 6.86 -12.83
C VAL A 286 -26.18 5.94 -13.79
N LYS A 287 -27.51 6.02 -13.76
CA LYS A 287 -28.34 5.32 -14.74
C LYS A 287 -28.11 5.88 -16.13
N ASN A 288 -27.98 7.19 -16.25
CA ASN A 288 -27.93 7.85 -17.55
C ASN A 288 -26.86 8.94 -17.60
N PRO A 289 -25.65 8.55 -17.98
CA PRO A 289 -24.50 9.45 -17.92
C PRO A 289 -24.51 10.50 -19.01
N ASP A 290 -25.43 10.43 -19.96
CA ASP A 290 -25.65 11.55 -20.86
C ASP A 290 -25.87 12.79 -20.03
N LEU A 291 -26.43 12.62 -18.85
CA LEU A 291 -26.74 13.77 -18.01
C LEU A 291 -25.48 14.57 -17.73
N ILE A 292 -24.37 13.86 -17.55
CA ILE A 292 -23.12 14.52 -17.26
C ILE A 292 -22.54 15.27 -18.47
N LYS A 293 -22.89 14.85 -19.69
CA LYS A 293 -22.27 15.43 -20.88
C LYS A 293 -22.43 16.93 -20.92
N LYS A 294 -23.49 17.42 -20.31
CA LYS A 294 -23.71 18.84 -20.20
C LYS A 294 -22.53 19.52 -19.50
N TYR A 295 -21.76 18.79 -18.71
CA TYR A 295 -20.70 19.44 -17.93
C TYR A 295 -19.31 18.94 -18.32
N ALA A 296 -19.24 17.69 -18.77
CA ALA A 296 -17.95 17.11 -19.06
C ALA A 296 -18.11 16.13 -20.18
N SER A 297 -17.14 16.11 -21.08
CA SER A 297 -17.24 15.30 -22.27
C SER A 297 -16.50 14.00 -22.10
N GLU A 298 -15.54 13.96 -21.17
CA GLU A 298 -14.85 12.68 -20.87
C GLU A 298 -15.77 11.56 -20.44
N PRO A 299 -15.44 10.32 -20.85
CA PRO A 299 -16.16 9.19 -20.27
C PRO A 299 -15.88 9.19 -18.76
N GLN A 300 -16.93 8.98 -17.98
CA GLN A 300 -16.80 9.08 -16.53
C GLN A 300 -16.19 7.84 -15.89
N ASP A 301 -15.26 8.07 -14.99
CA ASP A 301 -14.74 7.00 -14.13
C ASP A 301 -15.80 6.63 -13.08
N THR A 302 -16.23 5.38 -13.06
CA THR A 302 -17.35 4.96 -12.21
C THR A 302 -16.92 3.92 -11.18
N ARG A 303 -15.65 3.99 -10.80
CA ARG A 303 -15.10 3.06 -9.83
CA ARG A 303 -15.02 3.15 -9.78
C ARG A 303 -15.83 3.10 -8.49
N ALA A 304 -16.44 4.23 -8.15
CA ALA A 304 -17.12 4.33 -6.88
C ALA A 304 -18.48 3.63 -6.89
N PHE A 305 -19.03 3.39 -8.07
CA PHE A 305 -20.37 2.84 -8.20
C PHE A 305 -20.41 1.33 -8.39
N LYS A 306 -20.12 0.60 -7.32
CA LYS A 306 -20.21 -0.85 -7.31
C LYS A 306 -20.40 -1.31 -5.89
N PRO A 307 -21.07 -2.46 -5.71
CA PRO A 307 -21.44 -2.89 -4.36
C PRO A 307 -20.22 -3.00 -3.49
N GLY A 308 -20.34 -2.61 -2.24
CA GLY A 308 -19.21 -2.71 -1.32
C GLY A 308 -18.25 -1.53 -1.31
N ARG A 309 -18.39 -0.58 -2.23
CA ARG A 309 -17.53 0.60 -2.21
C ARG A 309 -17.83 1.52 -1.01
N GLY A 310 -16.79 1.87 -0.25
CA GLY A 310 -16.92 2.81 0.84
C GLY A 310 -17.63 4.10 0.44
N ASP A 311 -17.45 4.51 -0.81
CA ASP A 311 -18.07 5.72 -1.33
C ASP A 311 -19.58 5.73 -1.21
N LEU A 312 -20.20 4.58 -1.01
CA LEU A 312 -21.65 4.53 -0.93
C LEU A 312 -22.19 4.60 0.49
N ASN A 313 -21.30 4.76 1.49
CA ASN A 313 -21.73 4.73 2.88
C ASN A 313 -22.85 5.72 3.17
N TRP A 314 -22.85 6.86 2.50
CA TRP A 314 -23.86 7.88 2.80
C TRP A 314 -25.28 7.39 2.52
N ILE A 315 -25.39 6.40 1.64
CA ILE A 315 -26.70 5.88 1.26
C ILE A 315 -27.30 5.14 2.44
N GLU A 316 -26.47 4.43 3.19
CA GLU A 316 -26.93 3.72 4.39
C GLU A 316 -27.64 4.67 5.37
N TYR A 317 -27.05 5.82 5.64
CA TYR A 317 -27.64 6.76 6.57
C TYR A 317 -28.91 7.39 6.02
N GLN A 318 -28.86 7.83 4.76
CA GLN A 318 -30.03 8.53 4.20
C GLN A 318 -31.23 7.60 4.03
N ARG A 319 -30.99 6.40 3.50
CA ARG A 319 -32.05 5.44 3.30
CA ARG A 319 -32.10 5.48 3.32
C ARG A 319 -32.65 4.98 4.63
N ALA A 320 -31.86 4.89 5.68
CA ALA A 320 -32.37 4.55 7.01
C ALA A 320 -33.36 5.63 7.41
N ARG A 321 -33.01 6.88 7.14
CA ARG A 321 -33.82 8.00 7.57
C ARG A 321 -35.02 8.34 6.68
N PHE A 322 -34.88 8.13 5.37
CA PHE A 322 -35.90 8.61 4.44
C PHE A 322 -36.73 7.49 3.81
N GLY A 323 -36.14 6.30 3.70
CA GLY A 323 -36.89 5.17 3.24
C GLY A 323 -36.94 5.00 1.73
N PHE A 324 -36.28 5.87 0.99
CA PHE A 324 -36.26 5.74 -0.47
C PHE A 324 -35.74 4.38 -0.97
N ALA A 325 -35.85 4.19 -2.28
CA ALA A 325 -35.60 2.90 -2.88
C ALA A 325 -34.13 2.79 -3.30
N ASP A 326 -33.54 1.61 -3.18
CA ASP A 326 -32.23 1.36 -3.72
C ASP A 326 -32.36 1.19 -5.23
N GLU A 327 -32.54 2.29 -5.96
CA GLU A 327 -32.84 2.14 -7.40
C GLU A 327 -31.69 1.59 -8.23
N LEU A 328 -30.47 1.73 -7.74
CA LEU A 328 -29.32 1.29 -8.52
C LEU A 328 -28.96 -0.14 -8.13
N GLY A 329 -29.62 -0.66 -7.10
CA GLY A 329 -29.39 -2.02 -6.64
C GLY A 329 -27.99 -2.23 -6.09
N PHE A 330 -27.50 -1.24 -5.34
CA PHE A 330 -26.13 -1.29 -4.86
C PHE A 330 -25.99 -1.75 -3.40
N MET A 331 -27.10 -1.69 -2.66
CA MET A 331 -27.04 -2.02 -1.23
C MET A 331 -27.21 -3.50 -1.01
N THR A 332 -26.25 -4.27 -1.50
CA THR A 332 -26.33 -5.72 -1.38
C THR A 332 -25.35 -6.11 -0.31
N VAL A 333 -24.06 -6.04 -0.58
CA VAL A 333 -23.10 -6.30 0.46
C VAL A 333 -22.99 -5.12 1.45
N PRO A 334 -22.42 -5.36 2.64
CA PRO A 334 -22.21 -4.33 3.66
C PRO A 334 -21.19 -3.30 3.20
N ILE A 335 -21.35 -2.07 3.65
CA ILE A 335 -20.43 -1.00 3.31
C ILE A 335 -19.66 -0.52 4.53
N PHE A 336 -18.38 -0.27 4.36
CA PHE A 336 -17.51 0.19 5.44
C PHE A 336 -16.66 1.35 4.92
N ASP A 337 -16.73 2.49 5.60
CA ASP A 337 -15.89 3.63 5.26
C ASP A 337 -15.45 4.35 6.53
N PRO A 338 -14.16 4.25 6.86
CA PRO A 338 -13.66 4.89 8.11
C PRO A 338 -14.02 6.39 8.20
N ARG A 339 -13.95 7.06 7.07
CA ARG A 339 -14.05 8.51 7.05
C ARG A 339 -15.48 8.97 7.26
N THR A 340 -16.45 8.07 7.11
CA THR A 340 -17.81 8.45 7.51
C THR A 340 -18.33 7.54 8.60
N GLY A 341 -17.48 7.23 9.59
CA GLY A 341 -17.93 6.55 10.77
C GLY A 341 -17.89 5.02 10.69
N GLY A 342 -17.25 4.46 9.67
CA GLY A 342 -17.13 3.01 9.61
C GLY A 342 -18.25 2.38 8.80
N SER A 343 -18.88 1.34 9.36
CA SER A 343 -19.91 0.61 8.61
C SER A 343 -21.28 1.20 8.79
N ALA A 344 -21.79 1.88 7.76
CA ALA A 344 -23.12 2.42 7.92
C ALA A 344 -24.18 1.34 7.85
N THR A 345 -23.79 0.18 7.34
CA THR A 345 -24.69 -0.94 7.36
C THR A 345 -24.90 -1.33 8.83
N LEU A 346 -23.79 -1.51 9.54
CA LEU A 346 -23.82 -1.88 10.95
C LEU A 346 -24.58 -0.87 11.78
N LEU A 347 -24.44 0.41 11.44
CA LEU A 347 -24.86 1.47 12.35
C LEU A 347 -26.23 2.06 12.03
N ALA A 348 -26.71 1.91 10.80
CA ALA A 348 -27.93 2.58 10.37
C ALA A 348 -28.96 1.69 9.68
N TYR A 349 -28.50 0.73 8.90
CA TYR A 349 -29.41 -0.06 8.06
C TYR A 349 -30.40 -0.89 8.86
N LYS A 350 -31.70 -0.74 8.56
CA LYS A 350 -32.69 -1.61 9.18
C LYS A 350 -33.42 -2.45 8.15
N PRO A 351 -33.43 -3.76 8.34
CA PRO A 351 -34.14 -4.67 7.44
C PRO A 351 -35.62 -4.27 7.30
N GLN A 352 -36.19 -4.58 6.14
CA GLN A 352 -37.53 -4.09 5.83
C GLN A 352 -38.48 -5.25 5.54
N GLY A 353 -39.70 -5.19 6.10
CA GLY A 353 -40.79 -6.08 5.72
C GLY A 353 -41.31 -5.80 4.31
N SER B 2 21.52 -36.63 -5.99
CA SER B 2 21.24 -35.50 -5.12
C SER B 2 19.83 -34.94 -5.32
N HIS B 3 19.53 -34.53 -6.55
CA HIS B 3 18.21 -34.01 -6.86
C HIS B 3 17.82 -34.26 -8.31
N PRO B 4 16.53 -34.09 -8.62
CA PRO B 4 15.94 -34.33 -9.95
C PRO B 4 16.52 -33.49 -11.08
N PHE B 5 17.33 -32.48 -10.78
CA PHE B 5 17.83 -31.59 -11.83
C PHE B 5 19.34 -31.59 -11.94
N ASP B 6 20.00 -32.62 -11.41
CA ASP B 6 21.47 -32.60 -11.40
CA ASP B 6 21.46 -32.68 -11.39
C ASP B 6 22.07 -33.02 -12.74
N GLN B 7 21.23 -33.14 -13.76
CA GLN B 7 21.72 -33.42 -15.11
C GLN B 7 21.36 -32.25 -16.03
N ALA B 8 20.68 -31.27 -15.48
CA ALA B 8 20.24 -30.11 -16.24
C ALA B 8 21.44 -29.37 -16.82
N VAL B 9 21.28 -28.81 -18.02
CA VAL B 9 22.34 -28.03 -18.63
C VAL B 9 21.84 -26.65 -19.01
N VAL B 10 22.76 -25.71 -19.18
CA VAL B 10 22.40 -24.39 -19.70
C VAL B 10 22.27 -24.51 -21.22
N LYS B 11 21.06 -24.28 -21.72
CA LYS B 11 20.78 -24.40 -23.15
C LYS B 11 21.17 -23.13 -23.90
N ASP B 12 20.97 -21.99 -23.26
CA ASP B 12 21.13 -20.70 -23.92
C ASP B 12 21.55 -19.61 -22.93
N PRO B 13 22.85 -19.26 -22.94
CA PRO B 13 23.36 -18.26 -21.99
C PRO B 13 22.83 -16.86 -22.23
N THR B 14 22.09 -16.66 -23.32
CA THR B 14 21.55 -15.33 -23.61
C THR B 14 20.08 -15.22 -23.23
N ALA B 15 19.50 -16.29 -22.71
CA ALA B 15 18.05 -16.33 -22.49
C ALA B 15 17.55 -15.44 -21.35
N SER B 16 18.45 -15.03 -20.45
CA SER B 16 18.09 -14.14 -19.34
C SER B 16 16.98 -14.68 -18.43
N TYR B 17 16.26 -13.78 -17.76
CA TYR B 17 15.20 -14.15 -16.84
C TYR B 17 13.82 -13.65 -17.30
N VAL B 18 13.83 -13.04 -18.49
CA VAL B 18 12.62 -12.62 -19.19
C VAL B 18 12.94 -12.48 -20.68
N ASP B 19 11.99 -12.83 -21.53
CA ASP B 19 12.15 -12.74 -22.97
C ASP B 19 12.35 -11.27 -23.33
N VAL B 20 13.60 -10.85 -23.44
CA VAL B 20 13.97 -9.46 -23.61
C VAL B 20 13.38 -8.82 -24.88
N LYS B 21 13.53 -9.50 -26.01
CA LYS B 21 13.03 -8.98 -27.28
C LYS B 21 11.52 -8.86 -27.29
N ALA B 22 10.85 -9.92 -26.84
CA ALA B 22 9.39 -9.93 -26.81
C ALA B 22 8.85 -8.85 -25.85
N ARG B 23 9.50 -8.69 -24.70
CA ARG B 23 9.01 -7.71 -23.73
C ARG B 23 9.21 -6.29 -24.24
N ARG B 24 10.36 -6.05 -24.86
CA ARG B 24 10.65 -4.74 -25.43
C ARG B 24 9.61 -4.39 -26.50
N THR B 25 9.36 -5.32 -27.41
CA THR B 25 8.35 -5.16 -28.45
C THR B 25 7.01 -4.78 -27.83
N PHE B 26 6.63 -5.51 -26.77
CA PHE B 26 5.41 -5.22 -26.05
C PHE B 26 5.40 -3.79 -25.50
N LEU B 27 6.51 -3.39 -24.88
CA LEU B 27 6.62 -2.06 -24.29
C LEU B 27 6.50 -0.95 -25.34
N GLN B 28 6.94 -1.25 -26.56
CA GLN B 28 7.00 -0.23 -27.61
C GLN B 28 5.75 -0.20 -28.48
N SER B 29 5.02 -1.31 -28.50
CA SER B 29 3.68 -1.34 -29.06
C SER B 29 2.76 -0.72 -28.02
N GLY B 30 2.69 0.61 -28.02
CA GLY B 30 2.10 1.38 -26.94
C GLY B 30 0.65 1.13 -26.57
N GLN B 31 0.36 -0.06 -26.06
CA GLN B 31 -0.93 -0.30 -25.41
C GLN B 31 -0.70 -0.63 -23.95
N LEU B 32 -0.48 0.42 -23.18
CA LEU B 32 -0.05 0.36 -21.80
C LEU B 32 -1.03 1.11 -20.91
N ASP B 33 -1.21 0.63 -19.68
CA ASP B 33 -2.05 1.33 -18.71
C ASP B 33 -1.21 2.35 -17.95
N ASP B 34 -1.81 3.01 -16.97
CA ASP B 34 -1.11 4.03 -16.19
C ASP B 34 0.03 3.43 -15.36
N ARG B 35 -0.25 2.29 -14.77
CA ARG B 35 0.73 1.59 -13.95
C ARG B 35 2.02 1.34 -14.72
N LEU B 36 1.88 0.71 -15.88
CA LEU B 36 3.00 0.41 -16.75
C LEU B 36 3.72 1.67 -17.25
N LYS B 37 2.97 2.68 -17.65
CA LYS B 37 3.57 3.94 -18.03
C LYS B 37 4.40 4.49 -16.88
N ALA B 38 3.87 4.36 -15.67
CA ALA B 38 4.56 4.86 -14.49
C ALA B 38 5.88 4.12 -14.28
N ALA B 39 5.96 2.90 -14.80
CA ALA B 39 7.12 2.05 -14.55
C ALA B 39 8.26 2.22 -15.56
N LEU B 40 7.98 2.90 -16.68
CA LEU B 40 9.02 3.17 -17.66
C LEU B 40 10.15 3.99 -17.03
N PRO B 41 11.38 3.49 -17.14
CA PRO B 41 12.53 4.17 -16.54
C PRO B 41 12.88 5.42 -17.35
N LYS B 42 13.45 6.39 -16.66
CA LYS B 42 13.79 7.67 -17.27
C LYS B 42 15.15 7.56 -17.96
N GLU B 43 15.22 7.89 -19.25
CA GLU B 43 16.51 7.87 -19.93
C GLU B 43 17.44 8.95 -19.40
N TYR B 44 18.74 8.71 -19.47
CA TYR B 44 19.72 9.71 -19.07
C TYR B 44 21.06 9.38 -19.72
N ASP B 45 22.00 10.31 -19.66
CA ASP B 45 23.31 10.08 -20.27
C ASP B 45 24.23 9.40 -19.26
N CYS B 46 24.26 8.07 -19.30
CA CYS B 46 25.00 7.30 -18.32
C CYS B 46 26.51 7.37 -18.54
N THR B 47 26.92 7.80 -19.73
CA THR B 47 28.36 7.86 -20.03
C THR B 47 29.07 8.92 -19.20
N THR B 48 28.34 9.91 -18.72
CA THR B 48 28.93 10.98 -17.91
C THR B 48 28.68 10.79 -16.40
N GLU B 49 28.04 9.69 -16.02
CA GLU B 49 27.70 9.46 -14.62
C GLU B 49 28.84 8.85 -13.83
N ALA B 50 29.07 9.38 -12.62
CA ALA B 50 30.07 8.82 -11.72
C ALA B 50 29.47 7.64 -10.97
N THR B 51 30.07 6.46 -11.15
CA THR B 51 29.56 5.26 -10.51
C THR B 51 30.42 4.88 -9.32
N PRO B 52 29.85 4.15 -8.36
CA PRO B 52 30.58 3.78 -7.15
C PRO B 52 31.87 3.05 -7.49
N ASN B 53 32.93 3.37 -6.75
CA ASN B 53 34.16 2.61 -6.85
C ASN B 53 34.16 1.50 -5.80
N PRO B 54 34.76 0.36 -6.16
CA PRO B 54 34.84 -0.81 -5.27
C PRO B 54 35.76 -0.51 -4.09
N GLN B 55 35.52 -1.19 -2.97
CA GLN B 55 36.40 -1.06 -1.82
C GLN B 55 37.73 -1.72 -2.12
N GLN B 56 38.83 -1.06 -1.77
CA GLN B 56 40.14 -1.67 -1.94
C GLN B 56 40.43 -2.68 -0.83
N GLY B 57 40.96 -3.83 -1.21
CA GLY B 57 41.30 -4.85 -0.23
C GLY B 57 40.11 -5.60 0.35
N GLU B 58 40.26 -6.02 1.60
CA GLU B 58 39.27 -6.86 2.25
C GLU B 58 37.90 -6.19 2.34
N MET B 59 36.90 -6.85 1.79
CA MET B 59 35.52 -6.38 1.87
C MET B 59 35.03 -6.44 3.30
N VAL B 60 34.93 -5.28 3.95
CA VAL B 60 34.52 -5.22 5.35
C VAL B 60 33.32 -4.29 5.55
N ILE B 61 32.28 -4.83 6.17
N ILE B 61 32.26 -4.78 6.17
CA ILE B 61 31.08 -4.09 6.52
CA ILE B 61 31.10 -3.95 6.40
C ILE B 61 31.11 -3.72 8.00
C ILE B 61 30.92 -3.64 7.88
N PRO B 62 31.30 -2.42 8.29
CA PRO B 62 31.39 -1.96 9.69
C PRO B 62 30.08 -2.04 10.47
N ARG B 63 30.18 -1.84 11.79
CA ARG B 63 29.03 -1.87 12.67
C ARG B 63 28.00 -0.81 12.32
N ARG B 64 26.76 -1.04 12.74
CA ARG B 64 25.66 -0.12 12.47
C ARG B 64 25.70 1.05 13.43
N TYR B 65 25.77 0.75 14.73
CA TYR B 65 25.78 1.77 15.76
C TYR B 65 27.13 1.83 16.48
N VAL B 73 24.39 6.25 15.20
CA VAL B 73 24.79 5.42 14.07
C VAL B 73 26.23 5.71 13.64
N ASN B 74 27.07 4.69 13.68
CA ASN B 74 28.47 4.80 13.27
C ASN B 74 28.61 5.51 11.94
N PRO B 75 29.29 6.68 11.96
CA PRO B 75 29.54 7.47 10.74
C PRO B 75 30.25 6.68 9.65
N ASP B 76 31.04 5.68 10.05
CA ASP B 76 31.77 4.86 9.08
C ASP B 76 30.85 3.91 8.32
N TYR B 77 29.64 3.72 8.85
CA TYR B 77 28.71 2.73 8.30
C TYR B 77 28.02 3.20 7.02
N GLU B 78 27.43 4.39 7.07
CA GLU B 78 26.65 4.91 5.94
C GLU B 78 27.39 4.85 4.60
N PRO B 79 28.59 5.45 4.55
CA PRO B 79 29.34 5.47 3.27
C PRO B 79 29.56 4.08 2.69
N VAL B 80 29.78 3.08 3.54
CA VAL B 80 30.08 1.73 3.07
C VAL B 80 28.85 0.98 2.56
N VAL B 81 27.78 0.97 3.34
CA VAL B 81 26.56 0.28 2.95
C VAL B 81 25.89 1.00 1.78
N THR B 82 25.86 2.33 1.86
CA THR B 82 25.37 3.13 0.75
C THR B 82 26.09 2.72 -0.52
N LEU B 83 27.25 2.09 -0.36
CA LEU B 83 28.08 1.76 -1.51
C LEU B 83 27.50 0.61 -2.32
N TYR B 84 27.21 -0.50 -1.65
CA TYR B 84 26.67 -1.67 -2.32
C TYR B 84 25.24 -1.42 -2.81
N ARG B 85 24.47 -0.72 -1.99
CA ARG B 85 23.12 -0.30 -2.35
CA ARG B 85 23.12 -0.30 -2.35
C ARG B 85 23.12 0.49 -3.66
N ASP B 86 24.05 1.43 -3.78
CA ASP B 86 24.15 2.25 -4.98
C ASP B 86 24.57 1.43 -6.18
N PHE B 87 25.56 0.56 -5.97
CA PHE B 87 26.00 -0.36 -7.01
C PHE B 87 24.82 -1.18 -7.55
N GLU B 88 24.02 -1.71 -6.63
CA GLU B 88 22.84 -2.49 -7.00
C GLU B 88 21.82 -1.67 -7.78
N LYS B 89 21.50 -0.49 -7.25
CA LYS B 89 20.50 0.38 -7.86
C LYS B 89 20.87 0.74 -9.30
N ILE B 90 22.08 1.24 -9.50
CA ILE B 90 22.55 1.64 -10.82
C ILE B 90 22.53 0.45 -11.79
N SER B 91 23.03 -0.68 -11.33
CA SER B 91 23.05 -1.90 -12.14
C SER B 91 21.67 -2.24 -12.68
N ALA B 92 20.73 -2.40 -11.76
CA ALA B 92 19.36 -2.80 -12.11
C ALA B 92 18.71 -1.76 -13.01
N THR B 93 18.97 -0.49 -12.73
CA THR B 93 18.44 0.60 -13.53
C THR B 93 18.95 0.54 -14.97
N LEU B 94 20.24 0.27 -15.13
CA LEU B 94 20.81 0.16 -16.47
C LEU B 94 20.27 -1.06 -17.21
N GLY B 95 20.14 -2.18 -16.50
CA GLY B 95 19.56 -3.37 -17.09
C GLY B 95 18.16 -3.10 -17.61
N ASN B 96 17.32 -2.49 -16.76
CA ASN B 96 15.94 -2.17 -17.13
C ASN B 96 15.87 -1.20 -18.31
N LEU B 97 16.73 -0.18 -18.31
CA LEU B 97 16.82 0.75 -19.42
C LEU B 97 17.24 0.05 -20.71
N TYR B 98 18.16 -0.90 -20.64
CA TYR B 98 18.53 -1.65 -21.84
C TYR B 98 17.34 -2.42 -22.39
N VAL B 99 16.58 -3.06 -21.50
CA VAL B 99 15.41 -3.83 -21.91
C VAL B 99 14.35 -2.94 -22.56
N ALA B 100 14.03 -1.83 -21.90
CA ALA B 100 12.97 -0.94 -22.39
C ALA B 100 13.31 -0.28 -23.72
N THR B 101 14.56 0.13 -23.88
CA THR B 101 14.91 0.97 -25.03
C THR B 101 15.73 0.27 -26.12
N GLY B 102 16.46 -0.77 -25.74
CA GLY B 102 17.32 -1.46 -26.70
C GLY B 102 18.57 -0.68 -27.09
N LYS B 103 18.82 0.44 -26.44
CA LYS B 103 19.99 1.25 -26.77
C LYS B 103 21.28 0.69 -26.17
N PRO B 104 22.26 0.37 -27.03
CA PRO B 104 23.54 -0.20 -26.58
C PRO B 104 24.26 0.67 -25.58
N VAL B 105 23.99 1.98 -25.57
CA VAL B 105 24.70 2.85 -24.65
C VAL B 105 24.54 2.40 -23.19
N TYR B 106 23.36 1.90 -22.83
CA TYR B 106 23.13 1.46 -21.45
C TYR B 106 23.92 0.20 -21.12
N ALA B 107 24.12 -0.65 -22.12
CA ALA B 107 24.92 -1.85 -21.93
C ALA B 107 26.36 -1.47 -21.67
N THR B 108 26.89 -0.57 -22.50
CA THR B 108 28.26 -0.11 -22.37
C THR B 108 28.49 0.55 -21.02
N CYS B 109 27.49 1.27 -20.53
CA CYS B 109 27.58 1.90 -19.23
C CYS B 109 27.67 0.86 -18.11
N LEU B 110 26.86 -0.18 -18.22
CA LEU B 110 26.86 -1.26 -17.23
C LEU B 110 28.20 -1.99 -17.23
N LEU B 111 28.71 -2.30 -18.41
CA LEU B 111 29.97 -3.00 -18.54
C LEU B 111 31.15 -2.19 -17.99
N ASN B 112 31.15 -0.89 -18.24
CA ASN B 112 32.22 -0.05 -17.70
C ASN B 112 32.24 -0.06 -16.18
N MET B 113 31.07 0.04 -15.56
CA MET B 113 31.03 -0.03 -14.10
C MET B 113 31.47 -1.39 -13.58
N LEU B 114 30.93 -2.46 -14.16
CA LEU B 114 31.29 -3.81 -13.72
C LEU B 114 32.77 -4.13 -13.96
N ASP B 115 33.31 -3.68 -15.09
CA ASP B 115 34.71 -3.94 -15.43
C ASP B 115 35.62 -3.34 -14.36
N LYS B 116 35.23 -2.18 -13.86
CA LYS B 116 35.97 -1.47 -12.82
C LYS B 116 35.97 -2.28 -11.53
N TRP B 117 34.83 -2.86 -11.18
CA TRP B 117 34.73 -3.73 -10.01
C TRP B 117 35.48 -5.04 -10.22
N ALA B 118 35.39 -5.58 -11.43
CA ALA B 118 36.07 -6.82 -11.75
C ALA B 118 37.59 -6.65 -11.62
N LYS B 119 38.11 -5.57 -12.18
CA LYS B 119 39.55 -5.34 -12.17
C LYS B 119 40.09 -5.20 -10.74
N ALA B 120 39.23 -4.82 -9.81
CA ALA B 120 39.62 -4.69 -8.42
C ALA B 120 39.42 -5.98 -7.62
N ASP B 121 39.06 -7.07 -8.29
CA ASP B 121 38.72 -8.31 -7.60
C ASP B 121 37.71 -8.09 -6.47
N ALA B 122 36.73 -7.22 -6.71
CA ALA B 122 35.69 -6.97 -5.73
C ALA B 122 34.85 -8.22 -5.45
N LEU B 123 34.25 -8.26 -4.26
CA LEU B 123 33.32 -9.32 -3.88
C LEU B 123 33.98 -10.68 -3.69
N LEU B 124 35.31 -10.68 -3.53
CA LEU B 124 36.06 -11.93 -3.42
C LEU B 124 36.79 -12.09 -2.09
N ASN B 125 37.26 -10.99 -1.51
CA ASN B 125 38.04 -11.06 -0.28
CA ASN B 125 38.04 -11.06 -0.28
C ASN B 125 37.25 -10.63 0.95
N TYR B 126 36.89 -11.61 1.79
CA TYR B 126 36.08 -11.35 2.97
C TYR B 126 36.07 -12.55 3.90
N ASP B 127 35.67 -12.30 5.15
CA ASP B 127 35.47 -13.36 6.13
C ASP B 127 34.10 -14.02 5.91
N PRO B 128 34.12 -15.28 5.49
CA PRO B 128 32.89 -16.04 5.18
C PRO B 128 31.94 -16.13 6.37
N LYS B 129 32.42 -15.79 7.56
CA LYS B 129 31.59 -15.81 8.76
C LYS B 129 30.99 -14.45 9.05
N SER B 130 31.29 -13.47 8.20
CA SER B 130 30.82 -12.11 8.45
C SER B 130 29.63 -11.74 7.58
N GLN B 131 29.03 -10.59 7.90
CA GLN B 131 27.94 -10.02 7.11
C GLN B 131 28.32 -9.95 5.63
N SER B 132 29.60 -9.74 5.33
CA SER B 132 30.09 -9.62 3.96
C SER B 132 29.66 -10.78 3.06
N TRP B 133 29.60 -11.98 3.61
CA TRP B 133 29.28 -13.17 2.85
C TRP B 133 27.88 -13.03 2.27
N TYR B 134 26.98 -12.46 3.06
CA TYR B 134 25.61 -12.18 2.63
C TYR B 134 25.56 -11.08 1.59
N GLN B 135 26.29 -9.99 1.84
CA GLN B 135 26.28 -8.86 0.91
C GLN B 135 26.65 -9.33 -0.49
N VAL B 136 27.60 -10.25 -0.60
CA VAL B 136 28.04 -10.73 -1.90
C VAL B 136 26.91 -11.42 -2.70
N GLU B 137 26.10 -12.22 -2.01
CA GLU B 137 25.02 -12.94 -2.69
C GLU B 137 24.03 -12.00 -3.36
N TRP B 138 23.77 -10.86 -2.72
CA TRP B 138 22.81 -9.89 -3.24
C TRP B 138 23.41 -9.04 -4.36
N SER B 139 24.62 -8.55 -4.15
CA SER B 139 25.23 -7.65 -5.13
C SER B 139 25.62 -8.38 -6.40
N ALA B 140 26.10 -9.61 -6.26
CA ALA B 140 26.50 -10.40 -7.42
C ALA B 140 25.29 -10.78 -8.28
N ALA B 141 24.20 -11.19 -7.65
CA ALA B 141 22.99 -11.55 -8.39
C ALA B 141 22.41 -10.33 -9.09
N THR B 142 22.38 -9.20 -8.38
CA THR B 142 21.86 -7.96 -8.95
C THR B 142 22.56 -7.65 -10.26
N ALA B 143 23.90 -7.64 -10.22
CA ALA B 143 24.69 -7.33 -11.41
C ALA B 143 24.47 -8.36 -12.52
N ALA B 144 24.37 -9.63 -12.14
CA ALA B 144 24.23 -10.69 -13.14
C ALA B 144 22.90 -10.58 -13.88
N PHE B 145 21.84 -10.29 -13.13
CA PHE B 145 20.50 -10.14 -13.70
C PHE B 145 20.47 -9.04 -14.74
N ALA B 146 21.16 -7.95 -14.46
CA ALA B 146 21.20 -6.82 -15.40
C ALA B 146 22.05 -7.20 -16.60
N LEU B 147 23.19 -7.81 -16.36
CA LEU B 147 24.08 -8.22 -17.44
C LEU B 147 23.44 -9.29 -18.31
N SER B 148 22.60 -10.14 -17.72
CA SER B 148 22.03 -11.25 -18.47
C SER B 148 21.14 -10.78 -19.62
N THR B 149 20.66 -9.54 -19.54
CA THR B 149 19.76 -9.02 -20.58
C THR B 149 20.49 -8.58 -21.83
N MET B 150 21.81 -8.46 -21.74
CA MET B 150 22.60 -7.90 -22.84
C MET B 150 23.66 -8.87 -23.34
N MET B 151 23.48 -10.15 -23.06
CA MET B 151 24.47 -11.14 -23.46
C MET B 151 24.51 -11.31 -24.98
N ALA B 152 23.43 -10.94 -25.66
CA ALA B 152 23.36 -11.05 -27.12
C ALA B 152 23.70 -9.74 -27.85
N GLU B 153 23.92 -8.66 -27.11
CA GLU B 153 24.15 -7.34 -27.72
C GLU B 153 25.49 -7.28 -28.47
N PRO B 154 25.47 -7.02 -29.78
CA PRO B 154 26.76 -7.04 -30.48
C PRO B 154 27.57 -5.76 -30.32
N ASN B 155 26.90 -4.65 -30.02
CA ASN B 155 27.55 -3.34 -29.98
C ASN B 155 28.17 -3.00 -28.62
N VAL B 156 29.02 -3.88 -28.12
CA VAL B 156 29.78 -3.62 -26.90
C VAL B 156 31.19 -4.14 -27.08
N ASP B 157 32.08 -3.76 -26.17
CA ASP B 157 33.40 -4.35 -26.13
C ASP B 157 33.24 -5.78 -25.64
N THR B 158 33.37 -6.75 -26.55
CA THR B 158 33.10 -8.15 -26.21
C THR B 158 34.16 -8.72 -25.28
N ALA B 159 35.38 -8.23 -25.38
CA ALA B 159 36.44 -8.69 -24.50
C ALA B 159 36.12 -8.30 -23.07
N GLN B 160 35.62 -7.08 -22.91
CA GLN B 160 35.23 -6.57 -21.60
C GLN B 160 34.04 -7.36 -21.07
N ARG B 161 33.07 -7.68 -21.93
CA ARG B 161 31.93 -8.47 -21.52
C ARG B 161 32.36 -9.81 -20.98
N GLU B 162 33.39 -10.39 -21.60
CA GLU B 162 33.95 -11.68 -21.18
C GLU B 162 34.64 -11.63 -19.82
N ARG B 163 35.45 -10.61 -19.60
CA ARG B 163 36.15 -10.44 -18.32
C ARG B 163 35.14 -10.39 -17.20
N VAL B 164 34.09 -9.61 -17.42
CA VAL B 164 33.07 -9.39 -16.41
C VAL B 164 32.33 -10.68 -16.09
N VAL B 165 31.98 -11.44 -17.11
CA VAL B 165 31.30 -12.72 -16.91
C VAL B 165 32.19 -13.69 -16.12
N LYS B 166 33.45 -13.79 -16.51
CA LYS B 166 34.42 -14.62 -15.81
CA LYS B 166 34.39 -14.64 -15.80
C LYS B 166 34.51 -14.23 -14.34
N TRP B 167 34.61 -12.93 -14.08
CA TRP B 167 34.69 -12.42 -12.73
C TRP B 167 33.47 -12.83 -11.90
N LEU B 168 32.29 -12.63 -12.48
CA LEU B 168 31.05 -13.01 -11.83
C LEU B 168 31.04 -14.49 -11.49
N ASN B 169 31.49 -15.31 -12.43
CA ASN B 169 31.59 -16.75 -12.22
C ASN B 169 32.47 -17.09 -11.02
N ARG B 170 33.63 -16.44 -10.92
CA ARG B 170 34.53 -16.66 -9.79
CA ARG B 170 34.54 -16.65 -9.79
C ARG B 170 33.89 -16.22 -8.48
N VAL B 171 33.21 -15.06 -8.51
CA VAL B 171 32.53 -14.55 -7.32
C VAL B 171 31.52 -15.56 -6.80
N ALA B 172 30.72 -16.10 -7.70
CA ALA B 172 29.65 -17.02 -7.31
C ALA B 172 30.19 -18.38 -6.86
N ARG B 173 31.23 -18.86 -7.54
CA ARG B 173 31.86 -20.13 -7.18
C ARG B 173 32.44 -20.06 -5.77
N HIS B 174 33.10 -18.95 -5.47
CA HIS B 174 33.69 -18.74 -4.15
C HIS B 174 32.59 -18.57 -3.10
N GLN B 175 31.64 -17.69 -3.36
CA GLN B 175 30.57 -17.42 -2.40
C GLN B 175 29.76 -18.66 -2.04
N THR B 176 29.45 -19.49 -3.04
CA THR B 176 28.62 -20.66 -2.77
C THR B 176 29.42 -21.87 -2.29
N SER B 177 30.73 -21.74 -2.21
CA SER B 177 31.56 -22.85 -1.73
C SER B 177 31.45 -23.03 -0.21
N PHE B 178 30.90 -22.04 0.47
CA PHE B 178 30.76 -22.13 1.92
C PHE B 178 29.38 -22.65 2.28
N PRO B 179 29.33 -23.67 3.14
CA PRO B 179 28.07 -24.38 3.43
C PRO B 179 27.06 -23.58 4.25
N GLY B 180 27.53 -22.68 5.11
CA GLY B 180 26.65 -21.96 6.01
C GLY B 180 26.43 -22.71 7.31
N GLY B 181 25.76 -22.07 8.26
CA GLY B 181 25.51 -22.67 9.56
C GLY B 181 24.24 -23.49 9.63
N ASP B 182 23.72 -23.67 10.85
CA ASP B 182 22.53 -24.49 11.06
C ASP B 182 21.30 -23.85 10.44
N THR B 183 21.35 -22.53 10.28
CA THR B 183 20.27 -21.82 9.63
C THR B 183 20.61 -21.37 8.21
N SER B 184 21.74 -20.70 8.03
CA SER B 184 22.06 -20.14 6.71
C SER B 184 22.39 -21.20 5.65
N CYS B 185 22.49 -22.45 6.09
CA CYS B 185 22.64 -23.56 5.17
C CYS B 185 21.35 -23.72 4.38
N CYS B 186 20.25 -23.34 5.01
CA CYS B 186 18.96 -23.91 4.63
C CYS B 186 17.81 -22.90 4.58
N ASN B 187 18.04 -21.69 5.06
CA ASN B 187 16.96 -20.70 5.14
C ASN B 187 16.94 -19.79 3.91
N ASN B 188 16.35 -18.61 4.02
CA ASN B 188 16.25 -17.72 2.86
C ASN B 188 17.61 -17.42 2.24
N HIS B 189 18.66 -17.39 3.06
CA HIS B 189 20.01 -17.18 2.55
C HIS B 189 20.40 -18.25 1.55
N SER B 190 20.02 -19.49 1.82
CA SER B 190 20.31 -20.58 0.89
C SER B 190 19.65 -20.31 -0.45
N TYR B 191 18.43 -19.78 -0.40
CA TYR B 191 17.67 -19.48 -1.61
C TYR B 191 18.30 -18.33 -2.36
N TRP B 192 18.76 -17.31 -1.62
CA TRP B 192 19.46 -16.20 -2.24
C TRP B 192 20.74 -16.67 -2.94
N ARG B 193 21.49 -17.58 -2.31
CA ARG B 193 22.68 -18.14 -2.96
C ARG B 193 22.24 -18.91 -4.20
N GLY B 194 21.08 -19.56 -4.08
CA GLY B 194 20.50 -20.28 -5.20
C GLY B 194 20.24 -19.41 -6.42
N GLN B 195 19.61 -18.25 -6.22
CA GLN B 195 19.32 -17.36 -7.36
C GLN B 195 20.62 -16.84 -7.96
N GLU B 196 21.58 -16.51 -7.10
CA GLU B 196 22.92 -16.10 -7.53
C GLU B 196 23.57 -17.14 -8.44
N ALA B 197 23.63 -18.38 -7.96
CA ALA B 197 24.24 -19.47 -8.73
C ALA B 197 23.49 -19.74 -10.03
N THR B 198 22.17 -19.68 -9.98
CA THR B 198 21.36 -19.96 -11.15
C THR B 198 21.61 -18.95 -12.29
N ILE B 199 21.46 -17.66 -12.02
CA ILE B 199 21.62 -16.65 -13.07
C ILE B 199 23.08 -16.55 -13.55
N ILE B 200 24.03 -16.62 -12.64
CA ILE B 200 25.43 -16.57 -13.04
C ILE B 200 25.83 -17.84 -13.79
N GLY B 201 25.30 -18.98 -13.36
CA GLY B 201 25.49 -20.22 -14.09
C GLY B 201 25.03 -20.10 -15.52
N VAL B 202 23.87 -19.48 -15.72
CA VAL B 202 23.35 -19.26 -17.07
C VAL B 202 24.27 -18.39 -17.92
N ILE B 203 24.59 -17.18 -17.45
CA ILE B 203 25.36 -16.27 -18.29
C ILE B 203 26.78 -16.77 -18.53
N SER B 204 27.30 -17.60 -17.64
CA SER B 204 28.66 -18.09 -17.83
C SER B 204 28.68 -19.51 -18.39
N LYS B 205 27.52 -20.05 -18.73
CA LYS B 205 27.46 -21.39 -19.29
C LYS B 205 28.15 -22.36 -18.34
N ASP B 206 27.80 -22.26 -17.06
CA ASP B 206 28.37 -23.13 -16.03
C ASP B 206 27.30 -24.08 -15.51
N ASP B 207 27.32 -25.31 -16.03
CA ASP B 207 26.30 -26.30 -15.67
C ASP B 207 26.29 -26.64 -14.18
N GLU B 208 27.48 -26.83 -13.62
CA GLU B 208 27.58 -27.15 -12.20
C GLU B 208 26.91 -26.07 -11.35
N LEU B 209 27.29 -24.82 -11.58
CA LEU B 209 26.72 -23.71 -10.83
C LEU B 209 25.21 -23.66 -11.03
N PHE B 210 24.77 -23.87 -12.26
CA PHE B 210 23.36 -23.86 -12.59
C PHE B 210 22.60 -24.93 -11.80
N ARG B 211 23.12 -26.15 -11.81
CA ARG B 211 22.51 -27.26 -11.09
C ARG B 211 22.46 -26.99 -9.60
N TRP B 212 23.57 -26.51 -9.05
CA TRP B 212 23.63 -26.20 -7.63
C TRP B 212 22.50 -25.22 -7.26
N GLY B 213 22.29 -24.23 -8.12
CA GLY B 213 21.24 -23.24 -7.91
C GLY B 213 19.84 -23.82 -7.90
N LEU B 214 19.54 -24.68 -8.87
CA LEU B 214 18.24 -25.35 -8.92
C LEU B 214 18.04 -26.20 -7.68
N GLY B 215 19.13 -26.80 -7.21
CA GLY B 215 19.10 -27.62 -6.01
C GLY B 215 18.61 -26.86 -4.80
N ARG B 216 18.85 -25.55 -4.75
CA ARG B 216 18.41 -24.75 -3.62
C ARG B 216 16.89 -24.63 -3.59
N TYR B 217 16.27 -24.60 -4.77
CA TYR B 217 14.83 -24.54 -4.87
C TYR B 217 14.22 -25.85 -4.37
N VAL B 218 14.83 -26.95 -4.80
CA VAL B 218 14.42 -28.27 -4.36
C VAL B 218 14.50 -28.34 -2.83
N GLN B 219 15.59 -27.86 -2.26
CA GLN B 219 15.75 -27.84 -0.81
C GLN B 219 14.61 -27.09 -0.14
N ALA B 220 14.25 -25.92 -0.69
CA ALA B 220 13.20 -25.10 -0.10
C ALA B 220 11.85 -25.82 -0.05
N MET B 221 11.48 -26.47 -1.15
CA MET B 221 10.20 -27.16 -1.21
C MET B 221 10.07 -28.19 -0.09
N GLY B 222 11.20 -28.72 0.37
CA GLY B 222 11.20 -29.72 1.41
C GLY B 222 11.12 -29.13 2.81
N LEU B 223 11.09 -27.80 2.88
CA LEU B 223 11.08 -27.11 4.17
C LEU B 223 9.81 -26.29 4.34
N ILE B 224 8.77 -26.69 3.61
CA ILE B 224 7.47 -26.03 3.71
C ILE B 224 6.54 -26.85 4.60
N ASN B 225 5.98 -26.19 5.62
CA ASN B 225 5.02 -26.84 6.50
C ASN B 225 3.69 -27.11 5.80
N GLU B 226 2.88 -27.96 6.41
CA GLU B 226 1.56 -28.28 5.91
C GLU B 226 0.78 -27.01 5.54
N ASP B 227 0.94 -25.98 6.36
CA ASP B 227 0.19 -24.74 6.16
C ASP B 227 0.81 -23.81 5.11
N GLY B 228 2.01 -24.15 4.68
CA GLY B 228 2.68 -23.36 3.65
C GLY B 228 3.75 -22.44 4.19
N SER B 229 3.98 -22.48 5.50
CA SER B 229 5.02 -21.66 6.12
C SER B 229 6.39 -22.31 5.94
N PHE B 230 7.42 -21.48 5.78
CA PHE B 230 8.78 -22.00 5.73
C PHE B 230 9.30 -22.26 7.13
N VAL B 231 9.78 -23.47 7.35
CA VAL B 231 10.28 -23.89 8.65
C VAL B 231 11.22 -22.89 9.30
N HIS B 232 12.26 -22.47 8.58
CA HIS B 232 13.29 -21.62 9.19
C HIS B 232 12.89 -20.17 9.34
N GLU B 233 11.91 -19.73 8.56
CA GLU B 233 11.48 -18.34 8.60
C GLU B 233 10.52 -18.09 9.76
N MET B 234 9.97 -19.16 10.32
CA MET B 234 9.02 -19.04 11.42
C MET B 234 9.69 -18.95 12.78
N THR B 235 11.02 -18.91 12.77
CA THR B 235 11.80 -18.81 14.01
C THR B 235 12.35 -17.41 14.20
N ARG B 236 11.80 -16.44 13.47
CA ARG B 236 12.39 -15.09 13.47
C ARG B 236 11.63 -14.07 14.31
N HIS B 237 10.75 -14.55 15.18
CA HIS B 237 10.04 -13.67 16.10
C HIS B 237 9.22 -12.63 15.35
N GLU B 238 9.47 -11.34 15.62
CA GLU B 238 8.65 -10.29 15.02
C GLU B 238 8.89 -10.13 13.51
N GLN B 239 9.96 -10.73 12.99
CA GLN B 239 10.25 -10.71 11.56
C GLN B 239 9.87 -12.00 10.84
N SER B 240 9.08 -12.84 11.49
CA SER B 240 8.73 -14.12 10.89
C SER B 240 7.94 -13.97 9.59
N LEU B 241 6.89 -13.15 9.63
CA LEU B 241 6.08 -12.90 8.43
C LEU B 241 6.91 -12.22 7.36
N HIS B 242 7.73 -11.27 7.79
CA HIS B 242 8.64 -10.57 6.89
C HIS B 242 9.52 -11.58 6.14
N PHE B 243 10.09 -12.52 6.88
CA PHE B 243 11.02 -13.48 6.30
C PHE B 243 10.32 -14.54 5.46
N GLN B 244 9.08 -14.87 5.79
CA GLN B 244 8.30 -15.79 4.95
C GLN B 244 8.18 -15.16 3.56
N ASN B 245 7.83 -13.89 3.53
CA ASN B 245 7.76 -13.16 2.27
C ASN B 245 9.12 -13.03 1.59
N TYR B 246 10.14 -12.72 2.39
CA TYR B 246 11.48 -12.52 1.87
C TYR B 246 11.95 -13.72 1.08
N ALA B 247 11.69 -14.91 1.62
CA ALA B 247 12.07 -16.16 0.97
C ALA B 247 11.52 -16.28 -0.46
N MET B 248 10.31 -15.77 -0.69
CA MET B 248 9.66 -15.84 -2.00
C MET B 248 10.44 -15.14 -3.10
N LEU B 249 11.20 -14.11 -2.73
CA LEU B 249 11.93 -13.31 -3.72
C LEU B 249 12.92 -14.14 -4.55
N PRO B 250 13.91 -14.78 -3.90
CA PRO B 250 14.88 -15.57 -4.66
C PRO B 250 14.29 -16.83 -5.27
N LEU B 251 13.36 -17.48 -4.56
CA LEU B 251 12.75 -18.69 -5.07
C LEU B 251 12.05 -18.44 -6.39
N THR B 252 11.34 -17.31 -6.47
CA THR B 252 10.66 -16.91 -7.69
C THR B 252 11.65 -16.66 -8.84
N MET B 253 12.77 -16.00 -8.55
CA MET B 253 13.75 -15.73 -9.61
C MET B 253 14.43 -17.00 -10.12
N ILE B 254 14.70 -17.94 -9.21
CA ILE B 254 15.26 -19.23 -9.65
C ILE B 254 14.29 -19.88 -10.63
N ALA B 255 13.01 -19.91 -10.27
CA ALA B 255 11.97 -20.48 -11.13
C ALA B 255 11.85 -19.75 -12.47
N GLU B 256 11.85 -18.42 -12.44
CA GLU B 256 11.75 -17.65 -13.68
C GLU B 256 12.97 -17.86 -14.59
N THR B 257 14.16 -17.88 -13.99
CA THR B 257 15.38 -18.08 -14.75
C THR B 257 15.41 -19.47 -15.37
N ALA B 258 15.05 -20.47 -14.57
CA ALA B 258 15.04 -21.85 -15.02
C ALA B 258 14.04 -22.10 -16.15
N SER B 259 12.92 -21.40 -16.12
CA SER B 259 11.90 -21.62 -17.15
C SER B 259 12.41 -21.22 -18.53
N ARG B 260 13.35 -20.28 -18.57
CA ARG B 260 13.94 -19.86 -19.84
C ARG B 260 14.91 -20.90 -20.38
N GLN B 261 15.24 -21.90 -19.56
CA GLN B 261 16.11 -23.00 -19.98
C GLN B 261 15.29 -24.28 -20.16
N GLY B 262 13.98 -24.14 -20.16
CA GLY B 262 13.10 -25.28 -20.39
C GLY B 262 12.80 -26.12 -19.17
N ILE B 263 13.00 -25.55 -17.98
CA ILE B 263 12.69 -26.27 -16.75
C ILE B 263 11.52 -25.59 -16.05
N ASP B 264 10.57 -26.39 -15.56
CA ASP B 264 9.40 -25.84 -14.86
C ASP B 264 9.46 -26.14 -13.35
N LEU B 265 10.20 -25.32 -12.61
CA LEU B 265 10.35 -25.52 -11.18
C LEU B 265 9.06 -25.27 -10.41
N TYR B 266 8.20 -24.42 -10.95
CA TYR B 266 6.91 -24.16 -10.30
C TYR B 266 6.11 -25.45 -10.10
N ALA B 267 6.25 -26.39 -11.04
CA ALA B 267 5.51 -27.63 -10.98
C ALA B 267 6.12 -28.62 -9.99
N TYR B 268 7.32 -28.31 -9.53
CA TYR B 268 8.00 -29.22 -8.62
C TYR B 268 7.40 -29.18 -7.21
N LYS B 269 7.08 -30.35 -6.66
CA LYS B 269 6.61 -30.41 -5.29
C LYS B 269 7.14 -31.59 -4.49
N GLU B 270 7.10 -31.42 -3.17
CA GLU B 270 7.56 -32.40 -2.20
C GLU B 270 6.41 -32.69 -1.26
N ASN B 271 5.99 -33.95 -1.18
CA ASN B 271 4.80 -34.36 -0.42
C ASN B 271 3.60 -33.45 -0.65
N GLY B 272 3.32 -33.12 -1.91
CA GLY B 272 2.15 -32.33 -2.22
C GLY B 272 2.25 -30.86 -1.83
N ARG B 273 3.44 -30.42 -1.44
CA ARG B 273 3.67 -29.03 -1.08
C ARG B 273 4.55 -28.35 -2.12
N ASP B 274 4.19 -27.12 -2.49
CA ASP B 274 4.95 -26.38 -3.49
C ASP B 274 4.96 -24.88 -3.20
N ILE B 275 5.50 -24.11 -4.12
CA ILE B 275 5.63 -22.67 -3.90
C ILE B 275 4.27 -21.99 -3.81
N HIS B 276 3.24 -22.62 -4.36
CA HIS B 276 1.90 -22.05 -4.31
C HIS B 276 1.36 -22.08 -2.89
N SER B 277 1.66 -23.15 -2.16
CA SER B 277 1.31 -23.24 -0.75
C SER B 277 1.89 -22.05 0.01
N ALA B 278 3.16 -21.76 -0.25
CA ALA B 278 3.86 -20.67 0.43
C ALA B 278 3.26 -19.31 0.07
N ARG B 279 2.94 -19.11 -1.20
CA ARG B 279 2.24 -17.89 -1.60
C ARG B 279 0.93 -17.76 -0.83
N LYS B 280 0.12 -18.81 -0.85
CA LYS B 280 -1.17 -18.79 -0.17
C LYS B 280 -1.03 -18.44 1.30
N PHE B 281 0.02 -18.96 1.94
CA PHE B 281 0.24 -18.65 3.34
C PHE B 281 0.60 -17.17 3.55
N VAL B 282 1.48 -16.62 2.72
CA VAL B 282 1.79 -15.21 2.85
C VAL B 282 0.52 -14.38 2.76
N PHE B 283 -0.30 -14.63 1.75
CA PHE B 283 -1.52 -13.88 1.55
C PHE B 283 -2.45 -13.98 2.76
N ALA B 284 -2.66 -15.20 3.23
CA ALA B 284 -3.55 -15.45 4.35
C ALA B 284 -3.05 -14.77 5.62
N ALA B 285 -1.76 -14.94 5.91
CA ALA B 285 -1.20 -14.46 7.15
C ALA B 285 -1.14 -12.94 7.22
N VAL B 286 -1.14 -12.29 6.06
CA VAL B 286 -1.16 -10.83 6.06
C VAL B 286 -2.57 -10.33 6.36
N LYS B 287 -3.57 -11.01 5.81
CA LYS B 287 -4.96 -10.73 6.14
C LYS B 287 -5.26 -11.07 7.60
N ASN B 288 -4.71 -12.19 8.06
CA ASN B 288 -5.03 -12.72 9.39
C ASN B 288 -3.80 -13.19 10.14
N PRO B 289 -3.16 -12.27 10.87
CA PRO B 289 -1.88 -12.55 11.53
C PRO B 289 -2.01 -13.48 12.74
N ASP B 290 -3.23 -13.81 13.14
CA ASP B 290 -3.43 -14.87 14.13
C ASP B 290 -2.71 -16.11 13.64
N LEU B 291 -2.66 -16.27 12.32
CA LEU B 291 -2.03 -17.44 11.73
C LEU B 291 -0.59 -17.59 12.20
N ILE B 292 0.09 -16.47 12.35
CA ILE B 292 1.48 -16.50 12.76
C ILE B 292 1.65 -16.85 14.24
N LYS B 293 0.64 -16.56 15.06
CA LYS B 293 0.75 -16.79 16.50
C LYS B 293 1.17 -18.21 16.82
N LYS B 294 0.85 -19.13 15.92
CA LYS B 294 1.24 -20.52 16.05
C LYS B 294 2.76 -20.66 16.15
N TYR B 295 3.48 -19.68 15.62
CA TYR B 295 4.93 -19.77 15.55
C TYR B 295 5.65 -18.69 16.33
N ALA B 296 5.03 -17.52 16.44
CA ALA B 296 5.66 -16.40 17.11
C ALA B 296 4.61 -15.56 17.80
N SER B 297 4.94 -15.11 19.00
CA SER B 297 3.98 -14.36 19.81
C SER B 297 4.14 -12.85 19.64
N GLU B 298 5.31 -12.41 19.18
CA GLU B 298 5.54 -10.99 18.95
C GLU B 298 4.58 -10.42 17.91
N PRO B 299 4.18 -9.16 18.08
CA PRO B 299 3.46 -8.48 17.00
C PRO B 299 4.39 -8.41 15.80
N GLN B 300 3.88 -8.73 14.61
CA GLN B 300 4.72 -8.81 13.43
C GLN B 300 5.03 -7.45 12.81
N ASP B 301 6.29 -7.26 12.46
CA ASP B 301 6.72 -6.11 11.68
C ASP B 301 6.24 -6.30 10.23
N THR B 302 5.41 -5.38 9.75
CA THR B 302 4.80 -5.54 8.43
C THR B 302 5.22 -4.45 7.46
N ARG B 303 6.44 -3.94 7.65
CA ARG B 303 6.97 -2.87 6.82
C ARG B 303 7.06 -3.27 5.35
N ALA B 304 7.18 -4.57 5.08
CA ALA B 304 7.29 -5.03 3.70
C ALA B 304 5.96 -5.02 2.97
N PHE B 305 4.86 -5.01 3.73
CA PHE B 305 3.53 -5.14 3.14
C PHE B 305 2.82 -3.80 2.93
N LYS B 306 3.32 -3.05 1.94
CA LYS B 306 2.68 -1.81 1.53
CA LYS B 306 2.72 -1.76 1.56
C LYS B 306 3.03 -1.51 0.08
N PRO B 307 2.14 -0.81 -0.62
CA PRO B 307 2.35 -0.61 -2.06
C PRO B 307 3.70 0.02 -2.33
N GLY B 308 4.37 -0.43 -3.39
CA GLY B 308 5.64 0.14 -3.77
C GLY B 308 6.87 -0.49 -3.13
N ARG B 309 6.64 -1.39 -2.17
CA ARG B 309 7.74 -2.07 -1.50
C ARG B 309 8.45 -3.05 -2.42
N GLY B 310 9.76 -2.91 -2.53
CA GLY B 310 10.57 -3.81 -3.34
C GLY B 310 10.32 -5.27 -2.99
N ASP B 311 10.00 -5.52 -1.73
CA ASP B 311 9.76 -6.87 -1.22
C ASP B 311 8.63 -7.60 -1.95
N LEU B 312 7.80 -6.84 -2.68
CA LEU B 312 6.66 -7.44 -3.36
C LEU B 312 6.95 -7.79 -4.81
N ASN B 313 8.18 -7.58 -5.26
CA ASN B 313 8.52 -7.78 -6.67
C ASN B 313 8.15 -9.17 -7.17
N TRP B 314 8.26 -10.18 -6.31
CA TRP B 314 7.99 -11.55 -6.72
C TRP B 314 6.55 -11.74 -7.19
N ILE B 315 5.65 -10.90 -6.69
CA ILE B 315 4.25 -11.02 -7.05
C ILE B 315 4.05 -10.66 -8.52
N GLU B 316 4.80 -9.68 -9.00
CA GLU B 316 4.74 -9.28 -10.40
C GLU B 316 5.01 -10.46 -11.34
N TYR B 317 6.06 -11.23 -11.04
CA TYR B 317 6.41 -12.36 -11.89
C TYR B 317 5.39 -13.49 -11.79
N GLN B 318 4.98 -13.85 -10.57
CA GLN B 318 4.06 -14.96 -10.39
C GLN B 318 2.67 -14.66 -10.94
N ARG B 319 2.17 -13.46 -10.67
CA ARG B 319 0.85 -13.08 -11.18
C ARG B 319 0.83 -13.04 -12.70
N ALA B 320 1.91 -12.55 -13.31
CA ALA B 320 2.03 -12.55 -14.76
C ALA B 320 1.84 -13.96 -15.29
N ARG B 321 2.44 -14.92 -14.60
CA ARG B 321 2.47 -16.30 -15.05
C ARG B 321 1.25 -17.14 -14.66
N PHE B 322 0.65 -16.85 -13.52
CA PHE B 322 -0.42 -17.69 -13.01
C PHE B 322 -1.81 -17.04 -13.08
N GLY B 323 -1.85 -15.72 -13.01
CA GLY B 323 -3.09 -15.00 -13.20
C GLY B 323 -3.94 -14.82 -11.95
N PHE B 324 -3.42 -15.27 -10.81
CA PHE B 324 -4.18 -15.13 -9.55
C PHE B 324 -4.54 -13.69 -9.24
N ALA B 325 -5.34 -13.52 -8.19
CA ALA B 325 -5.89 -12.22 -7.85
C ALA B 325 -4.98 -11.47 -6.89
N ASP B 326 -4.92 -10.16 -7.04
CA ASP B 326 -4.24 -9.31 -6.07
C ASP B 326 -5.14 -9.15 -4.86
N GLU B 327 -5.24 -10.18 -4.03
CA GLU B 327 -6.23 -10.14 -2.94
C GLU B 327 -5.92 -9.12 -1.85
N LEU B 328 -4.66 -8.71 -1.75
CA LEU B 328 -4.28 -7.77 -0.71
C LEU B 328 -4.34 -6.34 -1.24
N GLY B 329 -4.57 -6.21 -2.54
CA GLY B 329 -4.68 -4.91 -3.18
C GLY B 329 -3.40 -4.11 -3.12
N PHE B 330 -2.28 -4.79 -3.33
CA PHE B 330 -0.97 -4.16 -3.20
C PHE B 330 -0.35 -3.75 -4.54
N MET B 331 -0.82 -4.34 -5.63
CA MET B 331 -0.24 -4.06 -6.94
C MET B 331 -0.84 -2.80 -7.55
N THR B 332 -0.64 -1.67 -6.89
CA THR B 332 -1.16 -0.42 -7.39
C THR B 332 -0.03 0.35 -8.05
N VAL B 333 0.90 0.85 -7.26
CA VAL B 333 2.06 1.53 -7.81
C VAL B 333 3.07 0.50 -8.34
N PRO B 334 4.01 0.94 -9.20
CA PRO B 334 5.05 0.07 -9.75
C PRO B 334 6.02 -0.38 -8.67
N ILE B 335 6.61 -1.55 -8.87
CA ILE B 335 7.56 -2.09 -7.92
C ILE B 335 8.94 -2.23 -8.54
N PHE B 336 9.97 -1.85 -7.79
CA PHE B 336 11.35 -1.91 -8.25
C PHE B 336 12.22 -2.53 -7.16
N ASP B 337 12.92 -3.61 -7.51
CA ASP B 337 13.86 -4.24 -6.58
C ASP B 337 15.08 -4.73 -7.35
N PRO B 338 16.22 -4.06 -7.15
CA PRO B 338 17.44 -4.44 -7.88
C PRO B 338 17.78 -5.92 -7.72
N ARG B 339 17.57 -6.45 -6.52
CA ARG B 339 17.99 -7.80 -6.20
C ARG B 339 17.17 -8.90 -6.87
N THR B 340 16.00 -8.53 -7.38
CA THR B 340 15.24 -9.48 -8.19
C THR B 340 15.00 -8.93 -9.59
N GLY B 341 16.03 -8.32 -10.17
CA GLY B 341 15.99 -7.92 -11.57
C GLY B 341 15.42 -6.55 -11.86
N GLY B 342 15.22 -5.73 -10.84
CA GLY B 342 14.71 -4.39 -11.06
C GLY B 342 13.21 -4.31 -10.98
N SER B 343 12.58 -3.66 -11.94
CA SER B 343 11.14 -3.47 -11.91
C SER B 343 10.38 -4.62 -12.54
N ALA B 344 9.74 -5.44 -11.71
CA ALA B 344 8.98 -6.55 -12.25
C ALA B 344 7.69 -6.04 -12.89
N THR B 345 7.29 -4.82 -12.54
CA THR B 345 6.17 -4.21 -13.23
C THR B 345 6.55 -3.99 -14.69
N LEU B 346 7.71 -3.35 -14.88
CA LEU B 346 8.22 -3.08 -16.22
C LEU B 346 8.42 -4.35 -17.03
N LEU B 347 8.87 -5.41 -16.36
CA LEU B 347 9.36 -6.59 -17.06
C LEU B 347 8.35 -7.73 -17.22
N ALA B 348 7.32 -7.75 -16.36
CA ALA B 348 6.40 -8.90 -16.34
C ALA B 348 4.92 -8.55 -16.38
N TYR B 349 4.55 -7.46 -15.72
CA TYR B 349 3.13 -7.12 -15.57
C TYR B 349 2.42 -6.88 -16.90
N LYS B 350 1.35 -7.63 -17.12
CA LYS B 350 0.57 -7.53 -18.34
C LYS B 350 -0.82 -6.96 -18.06
N PRO B 351 -1.06 -5.71 -18.49
CA PRO B 351 -2.36 -5.06 -18.31
C PRO B 351 -3.49 -5.91 -18.90
N GLN B 352 -4.39 -6.38 -18.04
CA GLN B 352 -5.48 -7.25 -18.47
C GLN B 352 -6.47 -6.51 -19.34
N GLY B 353 -6.25 -6.54 -20.65
CA GLY B 353 -7.12 -5.87 -21.60
C GLY B 353 -6.36 -4.93 -22.51
#